data_6O1Q
#
_entry.id   6O1Q
#
_entity_poly.entity_id   1
_entity_poly.type   'polypeptide(L)'
_entity_poly.pdbx_seq_one_letter_code
;GPMAMLARRQRDPLQALRRRNQELKQQVDSLLSESQLKEALEPNKRQHIYQRCIQLKQAIDENKNALQKLSKADESAPVA
NYNQRKEEEHTLLDKLTQQLQGLAVTISRENITEVGAPT
;
_entity_poly.pdbx_strand_id   A
#
# COMPACT_ATOMS: atom_id res chain seq x y z
N GLY A 1 17.05 2.79 -31.76
CA GLY A 1 17.56 4.19 -31.78
C GLY A 1 18.92 4.29 -31.14
N PRO A 2 19.34 5.50 -30.72
CA PRO A 2 20.65 5.73 -30.11
C PRO A 2 20.66 5.49 -28.61
N MET A 3 19.75 4.62 -28.14
CA MET A 3 19.68 4.29 -26.72
C MET A 3 19.71 2.77 -26.54
N ALA A 4 20.39 2.10 -27.45
CA ALA A 4 20.46 0.64 -27.44
C ALA A 4 21.52 0.15 -26.46
N MET A 5 21.43 0.61 -25.23
CA MET A 5 22.35 0.21 -24.18
C MET A 5 21.70 0.39 -22.81
N LEU A 6 20.46 -0.05 -22.71
CA LEU A 6 19.70 0.09 -21.47
C LEU A 6 20.17 -0.95 -20.46
N ALA A 7 20.77 -0.48 -19.37
CA ALA A 7 21.25 -1.37 -18.32
C ALA A 7 20.13 -1.76 -17.36
N ARG A 8 19.03 -1.01 -17.41
CA ARG A 8 17.88 -1.25 -16.56
C ARG A 8 17.23 -2.60 -16.89
N ARG A 9 16.66 -2.70 -18.08
CA ARG A 9 16.01 -3.93 -18.54
C ARG A 9 14.93 -4.37 -17.57
N GLN A 10 13.97 -3.48 -17.34
CA GLN A 10 12.88 -3.74 -16.42
C GLN A 10 11.76 -4.51 -17.12
N ARG A 11 11.97 -5.81 -17.27
CA ARG A 11 11.00 -6.68 -17.92
C ARG A 11 9.87 -7.05 -16.98
N ASP A 12 10.22 -7.67 -15.87
CA ASP A 12 9.25 -8.23 -14.94
C ASP A 12 8.39 -7.15 -14.31
N PRO A 13 7.06 -7.33 -14.38
CA PRO A 13 6.09 -6.40 -13.78
C PRO A 13 6.33 -6.21 -12.29
N LEU A 14 6.87 -7.25 -11.66
CA LEU A 14 7.20 -7.20 -10.24
C LEU A 14 8.16 -6.04 -9.93
N GLN A 15 9.14 -5.84 -10.80
CA GLN A 15 10.12 -4.78 -10.60
C GLN A 15 9.48 -3.41 -10.77
N ALA A 16 8.67 -3.26 -11.82
CA ALA A 16 7.96 -2.00 -12.05
C ALA A 16 7.01 -1.70 -10.90
N LEU A 17 6.27 -2.72 -10.49
CA LEU A 17 5.32 -2.58 -9.40
C LEU A 17 6.03 -2.28 -8.09
N ARG A 18 7.13 -2.98 -7.83
CA ARG A 18 7.91 -2.75 -6.60
C ARG A 18 8.38 -1.31 -6.51
N ARG A 19 8.76 -0.74 -7.64
CA ARG A 19 9.16 0.66 -7.69
C ARG A 19 8.01 1.54 -7.20
N ARG A 20 6.81 1.26 -7.71
CA ARG A 20 5.61 1.98 -7.30
C ARG A 20 5.25 1.67 -5.85
N ASN A 21 5.40 0.42 -5.44
CA ASN A 21 5.10 0.00 -4.06
C ASN A 21 6.01 0.73 -3.07
N GLN A 22 7.28 0.89 -3.44
CA GLN A 22 8.23 1.61 -2.60
C GLN A 22 7.81 3.06 -2.46
N GLU A 23 7.20 3.58 -3.52
CA GLU A 23 6.74 4.96 -3.54
C GLU A 23 5.50 5.10 -2.64
N LEU A 24 4.64 4.08 -2.66
CA LEU A 24 3.48 4.06 -1.78
C LEU A 24 3.92 4.03 -0.33
N LYS A 25 4.94 3.22 -0.03
CA LYS A 25 5.45 3.12 1.32
C LYS A 25 5.94 4.47 1.82
N GLN A 26 6.64 5.20 0.96
CA GLN A 26 7.15 6.52 1.33
C GLN A 26 6.01 7.47 1.65
N GLN A 27 4.89 7.31 0.95
CA GLN A 27 3.71 8.12 1.20
C GLN A 27 3.04 7.71 2.50
N VAL A 28 3.09 6.41 2.81
CA VAL A 28 2.53 5.90 4.05
C VAL A 28 3.32 6.41 5.24
N ASP A 29 4.65 6.32 5.14
CA ASP A 29 5.55 6.84 6.17
C ASP A 29 5.31 8.33 6.37
N SER A 30 5.01 9.03 5.28
CA SER A 30 4.73 10.46 5.33
C SER A 30 3.39 10.72 6.03
N LEU A 31 2.42 9.84 5.80
CA LEU A 31 1.12 9.96 6.45
C LEU A 31 1.27 9.75 7.94
N LEU A 32 2.02 8.73 8.31
CA LEU A 32 2.33 8.46 9.71
C LEU A 32 3.08 9.63 10.34
N SER A 33 3.88 10.31 9.53
CA SER A 33 4.58 11.50 9.99
C SER A 33 3.58 12.59 10.41
N GLU A 34 2.43 12.64 9.75
CA GLU A 34 1.39 13.60 10.10
C GLU A 34 0.71 13.15 11.40
N SER A 35 0.37 11.88 11.48
CA SER A 35 -0.27 11.31 12.66
C SER A 35 0.65 11.33 13.88
N GLN A 36 1.91 11.68 13.66
CA GLN A 36 2.91 11.65 14.71
C GLN A 36 3.12 13.07 15.24
N LEU A 37 2.54 14.04 14.56
CA LEU A 37 2.70 15.44 14.91
C LEU A 37 1.72 15.83 16.02
N LYS A 38 2.18 16.68 16.91
CA LYS A 38 1.33 17.20 17.98
C LYS A 38 0.30 18.18 17.43
N GLU A 39 0.66 18.85 16.34
CA GLU A 39 -0.26 19.77 15.67
C GLU A 39 -1.41 18.98 15.03
N ALA A 40 -1.20 17.68 14.84
CA ALA A 40 -2.21 16.82 14.25
C ALA A 40 -3.30 16.48 15.26
N LEU A 41 -3.15 17.01 16.47
CA LEU A 41 -4.17 16.86 17.50
C LEU A 41 -5.39 17.73 17.16
N GLU A 42 -5.20 18.63 16.20
CA GLU A 42 -6.28 19.47 15.70
C GLU A 42 -7.43 18.59 15.17
N PRO A 43 -8.65 18.82 15.67
CA PRO A 43 -9.84 18.05 15.28
C PRO A 43 -10.03 17.96 13.77
N ASN A 44 -9.77 19.07 13.07
CA ASN A 44 -9.95 19.11 11.63
C ASN A 44 -8.93 18.23 10.91
N LYS A 45 -7.69 18.23 11.42
CA LYS A 45 -6.61 17.47 10.80
C LYS A 45 -6.92 15.98 10.80
N ARG A 46 -7.65 15.53 11.82
CA ARG A 46 -7.99 14.11 11.93
C ARG A 46 -8.74 13.64 10.68
N GLN A 47 -9.68 14.45 10.21
CA GLN A 47 -10.46 14.12 9.03
C GLN A 47 -9.58 14.18 7.78
N HIS A 48 -8.63 15.11 7.79
CA HIS A 48 -7.73 15.29 6.67
C HIS A 48 -6.77 14.09 6.55
N ILE A 49 -6.33 13.58 7.69
CA ILE A 49 -5.49 12.40 7.71
C ILE A 49 -6.31 11.19 7.27
N TYR A 50 -7.53 11.11 7.77
CA TYR A 50 -8.47 10.06 7.40
C TYR A 50 -8.65 9.99 5.88
N GLN A 51 -8.74 11.16 5.25
CA GLN A 51 -8.92 11.22 3.79
C GLN A 51 -7.68 10.70 3.07
N ARG A 52 -6.51 11.15 3.52
CA ARG A 52 -5.24 10.71 2.94
C ARG A 52 -5.06 9.21 3.11
N CYS A 53 -5.56 8.68 4.22
CA CYS A 53 -5.43 7.28 4.53
C CYS A 53 -6.25 6.45 3.55
N ILE A 54 -7.48 6.88 3.31
CA ILE A 54 -8.36 6.19 2.37
C ILE A 54 -7.76 6.19 0.96
N GLN A 55 -7.19 7.32 0.57
CA GLN A 55 -6.58 7.44 -0.75
C GLN A 55 -5.44 6.44 -0.94
N LEU A 56 -4.51 6.42 0.02
CA LEU A 56 -3.39 5.48 -0.02
C LEU A 56 -3.88 4.03 0.04
N LYS A 57 -4.88 3.78 0.86
CA LYS A 57 -5.43 2.43 1.00
C LYS A 57 -6.02 1.97 -0.33
N GLN A 58 -6.68 2.90 -1.02
CA GLN A 58 -7.23 2.64 -2.35
C GLN A 58 -6.11 2.36 -3.34
N ALA A 59 -4.99 3.06 -3.19
CA ALA A 59 -3.85 2.89 -4.07
C ALA A 59 -3.18 1.53 -3.86
N ILE A 60 -3.01 1.15 -2.59
CA ILE A 60 -2.39 -0.13 -2.27
C ILE A 60 -3.26 -1.29 -2.77
N ASP A 61 -4.57 -1.17 -2.59
CA ASP A 61 -5.50 -2.20 -3.03
C ASP A 61 -5.46 -2.31 -4.56
N GLU A 62 -5.29 -1.16 -5.21
CA GLU A 62 -5.17 -1.11 -6.65
C GLU A 62 -3.92 -1.87 -7.11
N ASN A 63 -2.81 -1.65 -6.42
CA ASN A 63 -1.57 -2.36 -6.71
C ASN A 63 -1.73 -3.85 -6.42
N LYS A 64 -2.45 -4.16 -5.35
CA LYS A 64 -2.73 -5.54 -4.98
C LYS A 64 -3.55 -6.21 -6.09
N ASN A 65 -4.48 -5.48 -6.67
CA ASN A 65 -5.28 -5.97 -7.78
C ASN A 65 -4.42 -6.18 -9.01
N ALA A 66 -3.53 -5.22 -9.27
CA ALA A 66 -2.61 -5.30 -10.39
C ALA A 66 -1.69 -6.50 -10.23
N LEU A 67 -1.16 -6.65 -9.02
CA LEU A 67 -0.26 -7.76 -8.72
C LEU A 67 -0.95 -9.10 -8.91
N GLN A 68 -2.21 -9.18 -8.51
CA GLN A 68 -3.00 -10.41 -8.68
C GLN A 68 -3.27 -10.68 -10.16
N LYS A 69 -3.43 -9.61 -10.94
CA LYS A 69 -3.70 -9.75 -12.37
C LYS A 69 -2.43 -10.10 -13.13
N LEU A 70 -1.30 -9.64 -12.61
CA LEU A 70 0.00 -9.95 -13.21
C LEU A 70 0.54 -11.27 -12.65
N SER A 71 -0.28 -12.30 -12.71
CA SER A 71 0.11 -13.63 -12.31
C SER A 71 -0.09 -14.58 -13.49
N LYS A 72 0.69 -14.35 -14.55
CA LYS A 72 0.56 -15.10 -15.78
C LYS A 72 1.17 -16.51 -15.65
N ALA A 73 0.43 -17.41 -15.00
CA ALA A 73 0.86 -18.78 -14.82
C ALA A 73 0.72 -19.57 -16.11
N ASP A 74 -0.12 -19.08 -17.02
CA ASP A 74 -0.30 -19.73 -18.32
C ASP A 74 0.92 -19.51 -19.18
N GLU A 75 1.68 -18.47 -18.85
CA GLU A 75 2.93 -18.19 -19.54
C GLU A 75 4.09 -18.76 -18.75
N SER A 76 5.15 -19.15 -19.44
CA SER A 76 6.33 -19.70 -18.79
C SER A 76 7.20 -18.58 -18.22
N ALA A 77 6.68 -17.88 -17.23
CA ALA A 77 7.40 -16.77 -16.61
C ALA A 77 7.65 -17.00 -15.11
N PRO A 78 6.64 -17.43 -14.32
CA PRO A 78 6.83 -17.69 -12.89
C PRO A 78 7.82 -18.82 -12.62
N VAL A 79 9.07 -18.45 -12.38
CA VAL A 79 10.11 -19.43 -12.07
C VAL A 79 10.64 -19.23 -10.67
N ALA A 80 10.24 -20.12 -9.76
CA ALA A 80 10.76 -20.20 -8.39
C ALA A 80 10.80 -18.85 -7.67
N ASN A 81 11.92 -18.13 -7.77
CA ASN A 81 12.11 -16.86 -7.08
C ASN A 81 11.08 -15.84 -7.54
N TYR A 82 10.57 -16.01 -8.76
CA TYR A 82 9.54 -15.14 -9.29
C TYR A 82 8.29 -15.22 -8.42
N ASN A 83 7.87 -16.44 -8.10
CA ASN A 83 6.69 -16.65 -7.27
C ASN A 83 6.97 -16.28 -5.82
N GLN A 84 8.21 -16.43 -5.41
CA GLN A 84 8.63 -16.08 -4.07
C GLN A 84 8.52 -14.58 -3.85
N ARG A 85 9.09 -13.80 -4.77
CA ARG A 85 9.04 -12.35 -4.69
C ARG A 85 7.60 -11.86 -4.78
N LYS A 86 6.81 -12.53 -5.60
CA LYS A 86 5.40 -12.20 -5.77
C LYS A 86 4.64 -12.35 -4.44
N GLU A 87 4.94 -13.42 -3.71
CA GLU A 87 4.29 -13.68 -2.43
C GLU A 87 4.77 -12.72 -1.35
N GLU A 88 6.08 -12.46 -1.33
CA GLU A 88 6.65 -11.54 -0.36
C GLU A 88 6.12 -10.13 -0.57
N GLU A 89 5.82 -9.79 -1.81
CA GLU A 89 5.26 -8.48 -2.13
C GLU A 89 3.87 -8.35 -1.52
N HIS A 90 3.12 -9.46 -1.51
CA HIS A 90 1.83 -9.50 -0.85
C HIS A 90 1.98 -9.17 0.62
N THR A 91 3.03 -9.70 1.24
CA THR A 91 3.27 -9.52 2.66
C THR A 91 3.49 -8.05 3.01
N LEU A 92 4.26 -7.35 2.19
CA LEU A 92 4.58 -5.95 2.45
C LEU A 92 3.36 -5.06 2.25
N LEU A 93 2.70 -5.21 1.11
CA LEU A 93 1.54 -4.41 0.77
C LEU A 93 0.41 -4.66 1.75
N ASP A 94 0.30 -5.89 2.24
CA ASP A 94 -0.78 -6.26 3.13
C ASP A 94 -0.63 -5.55 4.48
N LYS A 95 0.59 -5.55 5.03
CA LYS A 95 0.84 -4.87 6.29
C LYS A 95 0.55 -3.39 6.17
N LEU A 96 0.99 -2.79 5.06
CA LEU A 96 0.70 -1.39 4.81
C LEU A 96 -0.82 -1.16 4.74
N THR A 97 -1.54 -2.09 4.11
CA THR A 97 -2.98 -2.03 4.08
C THR A 97 -3.56 -2.04 5.50
N GLN A 98 -3.08 -2.97 6.32
CA GLN A 98 -3.56 -3.10 7.70
C GLN A 98 -3.15 -1.91 8.55
N GLN A 99 -1.96 -1.39 8.28
CA GLN A 99 -1.45 -0.22 8.99
C GLN A 99 -2.39 0.96 8.80
N LEU A 100 -2.78 1.18 7.55
CA LEU A 100 -3.69 2.28 7.22
C LEU A 100 -5.09 1.99 7.73
N GLN A 101 -5.55 0.76 7.50
CA GLN A 101 -6.90 0.36 7.87
C GLN A 101 -7.11 0.48 9.38
N GLY A 102 -6.13 0.02 10.15
CA GLY A 102 -6.21 0.13 11.60
C GLY A 102 -6.21 1.56 12.05
N LEU A 103 -5.33 2.37 11.46
CA LEU A 103 -5.22 3.77 11.81
C LEU A 103 -6.49 4.52 11.42
N ALA A 104 -7.00 4.23 10.21
CA ALA A 104 -8.18 4.90 9.69
C ALA A 104 -9.38 4.72 10.61
N VAL A 105 -9.61 3.49 11.05
CA VAL A 105 -10.71 3.19 11.95
C VAL A 105 -10.50 3.88 13.29
N THR A 106 -9.26 3.87 13.76
CA THR A 106 -8.92 4.50 15.03
C THR A 106 -9.21 6.01 14.98
N ILE A 107 -8.88 6.63 13.85
CA ILE A 107 -9.14 8.06 13.68
C ILE A 107 -10.62 8.33 13.44
N SER A 108 -11.27 7.43 12.71
CA SER A 108 -12.67 7.57 12.37
C SER A 108 -13.53 7.48 13.64
N ARG A 109 -13.01 6.83 14.67
CA ARG A 109 -13.73 6.72 15.93
C ARG A 109 -13.30 7.82 16.90
N GLU A 110 -12.65 8.85 16.38
CA GLU A 110 -12.34 10.03 17.16
C GLU A 110 -13.43 11.08 16.95
N ASN A 111 -14.37 10.74 16.08
CA ASN A 111 -15.48 11.63 15.77
C ASN A 111 -16.75 11.14 16.45
N ILE A 112 -16.67 10.96 17.76
CA ILE A 112 -17.82 10.47 18.53
C ILE A 112 -18.75 11.62 18.88
N THR A 113 -19.26 12.27 17.85
CA THR A 113 -20.19 13.36 18.02
C THR A 113 -21.62 12.86 17.92
N GLU A 114 -21.93 12.29 16.76
CA GLU A 114 -23.23 11.73 16.51
C GLU A 114 -23.38 10.40 17.25
N VAL A 115 -24.28 10.35 18.21
CA VAL A 115 -24.53 9.13 18.97
C VAL A 115 -25.84 8.49 18.55
N GLY A 116 -26.22 8.73 17.30
CA GLY A 116 -27.44 8.17 16.76
C GLY A 116 -27.36 8.02 15.25
N ALA A 117 -28.48 7.72 14.62
CA ALA A 117 -28.52 7.53 13.18
C ALA A 117 -29.55 8.46 12.55
N PRO A 118 -29.17 9.73 12.28
CA PRO A 118 -30.06 10.69 11.67
C PRO A 118 -30.13 10.52 10.16
N THR A 119 -31.23 10.96 9.57
CA THR A 119 -31.40 10.89 8.13
C THR A 119 -30.61 11.99 7.42
N GLY A 1 18.97 -10.47 -24.88
CA GLY A 1 19.42 -11.72 -25.53
C GLY A 1 20.85 -11.60 -26.01
N PRO A 2 21.60 -12.72 -26.07
CA PRO A 2 23.01 -12.72 -26.46
C PRO A 2 23.25 -12.07 -27.82
N MET A 3 22.26 -12.17 -28.70
CA MET A 3 22.34 -11.56 -30.02
C MET A 3 21.06 -10.78 -30.31
N ALA A 4 20.42 -10.30 -29.25
CA ALA A 4 19.15 -9.59 -29.39
C ALA A 4 18.98 -8.57 -28.27
N MET A 5 19.21 -7.31 -28.60
CA MET A 5 18.98 -6.21 -27.65
C MET A 5 17.50 -5.82 -27.66
N LEU A 6 16.72 -6.46 -26.81
CA LEU A 6 15.31 -6.15 -26.71
C LEU A 6 14.90 -6.01 -25.25
N ALA A 7 15.16 -4.84 -24.67
CA ALA A 7 14.85 -4.59 -23.28
C ALA A 7 13.39 -4.17 -23.12
N ARG A 8 12.57 -5.11 -22.66
CA ARG A 8 11.16 -4.86 -22.45
C ARG A 8 10.85 -4.89 -20.96
N ARG A 9 9.81 -4.16 -20.55
CA ARG A 9 9.44 -4.09 -19.15
C ARG A 9 8.56 -5.28 -18.76
N GLN A 10 9.08 -6.48 -19.04
CA GLN A 10 8.38 -7.70 -18.72
C GLN A 10 9.40 -8.81 -18.48
N ARG A 11 10.20 -8.61 -17.46
CA ARG A 11 11.25 -9.54 -17.09
C ARG A 11 11.32 -9.67 -15.58
N ASP A 12 11.11 -8.56 -14.90
CA ASP A 12 11.09 -8.52 -13.46
C ASP A 12 9.89 -7.71 -12.98
N PRO A 13 8.67 -8.27 -13.13
CA PRO A 13 7.43 -7.57 -12.74
C PRO A 13 7.41 -7.19 -11.27
N LEU A 14 7.94 -8.07 -10.42
CA LEU A 14 7.96 -7.81 -8.99
C LEU A 14 8.89 -6.65 -8.68
N GLN A 15 9.96 -6.52 -9.47
CA GLN A 15 10.90 -5.43 -9.31
C GLN A 15 10.33 -4.11 -9.81
N ALA A 16 9.64 -4.16 -10.95
CA ALA A 16 8.99 -2.97 -11.48
C ALA A 16 7.90 -2.49 -10.54
N LEU A 17 7.09 -3.43 -10.05
CA LEU A 17 6.04 -3.11 -9.10
C LEU A 17 6.62 -2.64 -7.78
N ARG A 18 7.77 -3.22 -7.40
CA ARG A 18 8.43 -2.88 -6.14
C ARG A 18 8.72 -1.39 -6.06
N ARG A 19 9.08 -0.80 -7.20
CA ARG A 19 9.33 0.63 -7.27
C ARG A 19 8.04 1.41 -6.98
N ARG A 20 6.95 0.94 -7.57
CA ARG A 20 5.64 1.57 -7.37
C ARG A 20 5.13 1.31 -5.94
N ASN A 21 5.43 0.14 -5.41
CA ASN A 21 5.08 -0.19 -4.02
C ASN A 21 5.82 0.73 -3.06
N GLN A 22 7.10 0.97 -3.35
CA GLN A 22 7.92 1.86 -2.53
C GLN A 22 7.37 3.28 -2.59
N GLU A 23 6.80 3.65 -3.73
CA GLU A 23 6.18 4.95 -3.90
C GLU A 23 5.00 5.10 -2.92
N LEU A 24 4.17 4.06 -2.86
CA LEU A 24 3.04 4.05 -1.94
C LEU A 24 3.51 4.02 -0.50
N LYS A 25 4.54 3.21 -0.25
CA LYS A 25 5.08 3.03 1.10
C LYS A 25 5.60 4.35 1.66
N GLN A 26 6.23 5.15 0.80
CA GLN A 26 6.75 6.45 1.20
C GLN A 26 5.62 7.35 1.67
N GLN A 27 4.54 7.35 0.90
CA GLN A 27 3.36 8.13 1.22
C GLN A 27 2.75 7.68 2.56
N VAL A 28 2.70 6.37 2.76
CA VAL A 28 2.22 5.80 4.01
C VAL A 28 3.04 6.29 5.21
N ASP A 29 4.36 6.22 5.09
CA ASP A 29 5.25 6.66 6.17
C ASP A 29 5.11 8.14 6.45
N SER A 30 4.95 8.93 5.39
CA SER A 30 4.77 10.36 5.54
C SER A 30 3.48 10.66 6.29
N LEU A 31 2.46 9.85 6.06
CA LEU A 31 1.17 10.03 6.70
C LEU A 31 1.26 9.68 8.19
N LEU A 32 1.92 8.56 8.47
CA LEU A 32 2.14 8.10 9.83
C LEU A 32 2.95 9.12 10.62
N SER A 33 3.87 9.79 9.96
CA SER A 33 4.70 10.80 10.61
C SER A 33 3.85 12.01 11.01
N GLU A 34 3.02 12.48 10.08
CA GLU A 34 2.14 13.61 10.36
C GLU A 34 1.10 13.26 11.40
N SER A 35 0.75 11.98 11.48
CA SER A 35 -0.22 11.48 12.43
C SER A 35 0.24 11.70 13.87
N GLN A 36 1.55 11.81 14.08
CA GLN A 36 2.11 11.96 15.42
C GLN A 36 2.19 13.43 15.80
N LEU A 37 2.12 14.29 14.81
CA LEU A 37 2.26 15.73 15.02
C LEU A 37 1.10 16.27 15.84
N LYS A 38 1.44 17.01 16.89
CA LYS A 38 0.44 17.61 17.76
C LYS A 38 -0.36 18.68 17.02
N GLU A 39 0.28 19.31 16.04
CA GLU A 39 -0.39 20.29 15.18
C GLU A 39 -1.45 19.63 14.31
N ALA A 40 -1.32 18.31 14.14
CA ALA A 40 -2.23 17.57 13.28
C ALA A 40 -3.46 17.11 14.04
N LEU A 41 -3.53 17.49 15.31
CA LEU A 41 -4.68 17.17 16.15
C LEU A 41 -5.92 17.94 15.69
N GLU A 42 -5.69 18.97 14.88
CA GLU A 42 -6.76 19.74 14.25
C GLU A 42 -7.74 18.80 13.56
N PRO A 43 -9.03 18.84 13.96
CA PRO A 43 -10.08 17.98 13.40
C PRO A 43 -10.14 18.00 11.87
N ASN A 44 -9.82 19.16 11.28
CA ASN A 44 -9.83 19.28 9.82
C ASN A 44 -8.64 18.53 9.23
N LYS A 45 -7.53 18.53 9.96
CA LYS A 45 -6.34 17.81 9.54
C LYS A 45 -6.54 16.31 9.78
N ARG A 46 -7.23 15.97 10.87
CA ARG A 46 -7.52 14.57 11.18
C ARG A 46 -8.38 13.96 10.08
N GLN A 47 -9.37 14.71 9.61
CA GLN A 47 -10.21 14.27 8.50
C GLN A 47 -9.39 14.17 7.22
N HIS A 48 -8.44 15.08 7.07
CA HIS A 48 -7.56 15.09 5.92
C HIS A 48 -6.66 13.84 5.93
N ILE A 49 -6.19 13.49 7.12
CA ILE A 49 -5.38 12.28 7.32
C ILE A 49 -6.23 11.04 7.07
N TYR A 50 -7.44 11.03 7.61
CA TYR A 50 -8.38 9.93 7.41
C TYR A 50 -8.66 9.72 5.91
N GLN A 51 -8.82 10.83 5.20
CA GLN A 51 -9.09 10.77 3.77
C GLN A 51 -7.88 10.23 3.02
N ARG A 52 -6.69 10.63 3.45
CA ARG A 52 -5.46 10.12 2.84
C ARG A 52 -5.34 8.63 3.05
N CYS A 53 -5.71 8.16 4.24
CA CYS A 53 -5.72 6.73 4.55
C CYS A 53 -6.63 5.98 3.57
N ILE A 54 -7.77 6.55 3.25
CA ILE A 54 -8.71 5.94 2.32
C ILE A 54 -8.14 5.99 0.90
N GLN A 55 -7.51 7.11 0.57
CA GLN A 55 -6.89 7.32 -0.73
C GLN A 55 -5.78 6.29 -0.97
N LEU A 56 -4.92 6.11 0.02
CA LEU A 56 -3.80 5.19 -0.11
C LEU A 56 -4.28 3.75 -0.14
N LYS A 57 -5.34 3.47 0.61
CA LYS A 57 -5.93 2.13 0.63
C LYS A 57 -6.33 1.71 -0.77
N GLN A 58 -6.85 2.67 -1.53
CA GLN A 58 -7.29 2.44 -2.89
C GLN A 58 -6.08 2.24 -3.81
N ALA A 59 -5.05 3.04 -3.57
CA ALA A 59 -3.82 2.98 -4.34
C ALA A 59 -3.09 1.66 -4.12
N ILE A 60 -3.06 1.21 -2.86
CA ILE A 60 -2.44 -0.06 -2.51
C ILE A 60 -3.21 -1.22 -3.15
N ASP A 61 -4.53 -1.11 -3.11
CA ASP A 61 -5.41 -2.10 -3.72
C ASP A 61 -5.15 -2.19 -5.21
N GLU A 62 -4.85 -1.05 -5.81
CA GLU A 62 -4.56 -0.99 -7.25
C GLU A 62 -3.31 -1.81 -7.58
N ASN A 63 -2.27 -1.64 -6.77
CA ASN A 63 -1.04 -2.42 -6.96
C ASN A 63 -1.30 -3.91 -6.75
N LYS A 64 -2.08 -4.21 -5.71
CA LYS A 64 -2.47 -5.59 -5.43
C LYS A 64 -3.17 -6.21 -6.62
N ASN A 65 -4.02 -5.43 -7.28
CA ASN A 65 -4.73 -5.89 -8.47
C ASN A 65 -3.79 -6.04 -9.65
N ALA A 66 -2.88 -5.08 -9.80
CA ALA A 66 -1.88 -5.14 -10.86
C ALA A 66 -1.03 -6.38 -10.73
N LEU A 67 -0.59 -6.65 -9.50
CA LEU A 67 0.22 -7.82 -9.18
C LEU A 67 -0.56 -9.11 -9.45
N GLN A 68 -1.87 -9.04 -9.32
CA GLN A 68 -2.73 -10.20 -9.50
C GLN A 68 -2.86 -10.52 -10.98
N LYS A 69 -2.67 -9.50 -11.82
CA LYS A 69 -2.69 -9.69 -13.27
C LYS A 69 -1.28 -10.00 -13.78
N LEU A 70 -0.27 -9.51 -13.06
CA LEU A 70 1.12 -9.81 -13.38
C LEU A 70 1.52 -11.16 -12.78
N SER A 71 0.63 -12.13 -12.92
CA SER A 71 0.85 -13.45 -12.39
C SER A 71 0.29 -14.48 -13.35
N LYS A 72 1.15 -15.36 -13.84
CA LYS A 72 0.72 -16.44 -14.71
C LYS A 72 0.98 -17.78 -14.06
N ALA A 73 0.32 -18.03 -12.93
CA ALA A 73 0.51 -19.26 -12.16
C ALA A 73 0.02 -20.46 -12.93
N ASP A 74 -0.94 -20.26 -13.81
CA ASP A 74 -1.47 -21.35 -14.63
C ASP A 74 -0.47 -21.79 -15.67
N GLU A 75 0.54 -20.95 -15.90
CA GLU A 75 1.61 -21.27 -16.83
C GLU A 75 2.69 -22.09 -16.13
N SER A 76 3.27 -23.03 -16.87
CA SER A 76 4.29 -23.91 -16.30
C SER A 76 5.65 -23.20 -16.27
N ALA A 77 5.72 -22.14 -15.49
CA ALA A 77 6.96 -21.38 -15.34
C ALA A 77 7.79 -21.96 -14.19
N PRO A 78 8.98 -22.47 -14.49
CA PRO A 78 9.85 -23.09 -13.47
C PRO A 78 10.55 -22.05 -12.60
N VAL A 79 9.77 -21.20 -11.95
CA VAL A 79 10.28 -20.17 -11.07
C VAL A 79 9.50 -20.16 -9.76
N ALA A 80 9.77 -21.15 -8.93
CA ALA A 80 9.05 -21.33 -7.67
C ALA A 80 9.25 -20.17 -6.71
N ASN A 81 10.45 -19.59 -6.71
CA ASN A 81 10.76 -18.49 -5.81
C ASN A 81 9.99 -17.24 -6.22
N TYR A 82 9.73 -17.11 -7.52
CA TYR A 82 8.91 -16.02 -8.04
C TYR A 82 7.50 -16.12 -7.46
N ASN A 83 6.99 -17.33 -7.38
CA ASN A 83 5.65 -17.57 -6.87
C ASN A 83 5.59 -17.34 -5.37
N GLN A 84 6.67 -17.69 -4.68
CA GLN A 84 6.73 -17.53 -3.24
C GLN A 84 6.85 -16.05 -2.87
N ARG A 85 7.78 -15.34 -3.50
CA ARG A 85 7.98 -13.93 -3.21
C ARG A 85 6.74 -13.12 -3.61
N LYS A 86 6.02 -13.63 -4.61
CA LYS A 86 4.82 -12.98 -5.09
C LYS A 86 3.81 -12.79 -3.96
N GLU A 87 3.71 -13.81 -3.11
CA GLU A 87 2.82 -13.78 -1.96
C GLU A 87 3.37 -12.84 -0.89
N GLU A 88 4.68 -12.78 -0.79
CA GLU A 88 5.33 -11.87 0.16
C GLU A 88 5.07 -10.41 -0.23
N GLU A 89 5.06 -10.13 -1.53
CA GLU A 89 4.74 -8.79 -2.02
C GLU A 89 3.28 -8.46 -1.70
N HIS A 90 2.42 -9.48 -1.78
CA HIS A 90 1.03 -9.34 -1.33
C HIS A 90 1.00 -8.94 0.13
N THR A 91 1.83 -9.62 0.92
CA THR A 91 1.89 -9.40 2.35
C THR A 91 2.32 -7.97 2.67
N LEU A 92 3.33 -7.48 1.95
CA LEU A 92 3.81 -6.11 2.12
C LEU A 92 2.68 -5.09 1.92
N LEU A 93 1.95 -5.21 0.82
CA LEU A 93 0.87 -4.28 0.52
C LEU A 93 -0.24 -4.39 1.57
N ASP A 94 -0.49 -5.63 1.99
CA ASP A 94 -1.47 -5.91 3.03
C ASP A 94 -1.00 -5.36 4.37
N LYS A 95 0.31 -5.27 4.54
CA LYS A 95 0.90 -4.85 5.81
C LYS A 95 0.74 -3.34 5.94
N LEU A 96 0.97 -2.65 4.84
CA LEU A 96 0.84 -1.19 4.79
C LEU A 96 -0.61 -0.80 5.00
N THR A 97 -1.52 -1.62 4.47
CA THR A 97 -2.93 -1.38 4.62
C THR A 97 -3.34 -1.54 6.08
N GLN A 98 -2.76 -2.53 6.73
CA GLN A 98 -3.03 -2.81 8.13
C GLN A 98 -2.63 -1.62 9.01
N GLN A 99 -1.46 -1.05 8.74
CA GLN A 99 -0.97 0.09 9.51
C GLN A 99 -1.91 1.27 9.39
N LEU A 100 -2.42 1.50 8.19
CA LEU A 100 -3.36 2.59 7.96
C LEU A 100 -4.71 2.27 8.59
N GLN A 101 -5.07 0.99 8.55
CA GLN A 101 -6.35 0.51 9.06
C GLN A 101 -6.43 0.72 10.57
N GLY A 102 -5.28 0.64 11.24
CA GLY A 102 -5.27 0.79 12.69
C GLY A 102 -5.48 2.24 13.05
N LEU A 103 -4.86 3.11 12.29
CA LEU A 103 -4.97 4.54 12.48
C LEU A 103 -6.36 5.05 12.10
N ALA A 104 -6.86 4.57 10.97
CA ALA A 104 -8.14 5.01 10.44
C ALA A 104 -9.27 4.84 11.46
N VAL A 105 -9.32 3.68 12.10
CA VAL A 105 -10.34 3.41 13.11
C VAL A 105 -10.16 4.33 14.31
N THR A 106 -8.91 4.57 14.69
CA THR A 106 -8.60 5.42 15.82
C THR A 106 -9.01 6.88 15.54
N ILE A 107 -8.89 7.31 14.29
CA ILE A 107 -9.25 8.67 13.89
C ILE A 107 -10.77 8.82 13.71
N SER A 108 -11.43 7.72 13.35
CA SER A 108 -12.86 7.79 13.04
C SER A 108 -13.67 7.63 14.32
N ARG A 109 -13.04 7.07 15.34
CA ARG A 109 -13.63 6.98 16.65
C ARG A 109 -12.89 7.92 17.61
N GLU A 110 -13.41 9.13 17.71
CA GLU A 110 -12.80 10.18 18.53
C GLU A 110 -13.08 9.98 20.01
N ASN A 111 -12.75 8.80 20.50
CA ASN A 111 -12.94 8.47 21.91
C ASN A 111 -11.64 7.95 22.49
N ILE A 112 -10.54 8.63 22.15
CA ILE A 112 -9.21 8.20 22.53
C ILE A 112 -9.04 8.23 24.04
N THR A 113 -8.91 7.05 24.63
CA THR A 113 -8.77 6.87 26.09
C THR A 113 -9.93 7.49 26.85
N GLU A 114 -11.05 7.70 26.16
CA GLU A 114 -12.23 8.25 26.79
C GLU A 114 -13.23 7.15 27.09
N VAL A 115 -13.66 7.07 28.33
CA VAL A 115 -14.50 5.99 28.79
C VAL A 115 -15.96 6.41 28.93
N GLY A 116 -16.47 7.08 27.91
CA GLY A 116 -17.87 7.46 27.87
C GLY A 116 -18.72 6.34 27.29
N ALA A 117 -18.91 5.30 28.08
CA ALA A 117 -19.66 4.10 27.66
C ALA A 117 -19.14 3.53 26.34
N PRO A 118 -17.87 3.10 26.29
CA PRO A 118 -17.31 2.46 25.10
C PRO A 118 -17.44 0.94 25.17
N THR A 119 -18.33 0.39 24.35
CA THR A 119 -18.55 -1.04 24.32
C THR A 119 -18.30 -1.57 22.91
N GLY A 1 13.75 -6.52 -45.15
CA GLY A 1 13.28 -7.40 -44.04
C GLY A 1 13.83 -6.95 -42.70
N PRO A 2 13.13 -7.28 -41.61
CA PRO A 2 13.57 -6.94 -40.26
C PRO A 2 14.73 -7.81 -39.80
N MET A 3 15.54 -7.28 -38.90
CA MET A 3 16.69 -8.03 -38.37
C MET A 3 16.33 -8.67 -37.04
N ALA A 4 16.38 -10.00 -37.01
CA ALA A 4 16.09 -10.74 -35.79
C ALA A 4 17.32 -10.80 -34.90
N MET A 5 17.35 -9.97 -33.89
CA MET A 5 18.46 -9.94 -32.94
C MET A 5 17.94 -9.91 -31.51
N LEU A 6 17.60 -11.09 -31.00
CA LEU A 6 17.12 -11.22 -29.64
C LEU A 6 18.30 -11.29 -28.67
N ALA A 7 18.83 -10.14 -28.32
CA ALA A 7 20.03 -10.07 -27.51
C ALA A 7 19.71 -10.20 -26.02
N ARG A 8 19.01 -11.29 -25.67
CA ARG A 8 18.71 -11.63 -24.28
C ARG A 8 18.01 -10.49 -23.56
N ARG A 9 16.75 -10.26 -23.89
CA ARG A 9 15.96 -9.24 -23.23
C ARG A 9 15.04 -9.89 -22.20
N GLN A 10 14.93 -9.26 -21.05
CA GLN A 10 14.10 -9.78 -19.97
C GLN A 10 13.26 -8.67 -19.37
N ARG A 11 11.97 -8.93 -19.22
CA ARG A 11 11.08 -7.99 -18.58
C ARG A 11 10.73 -8.49 -17.18
N ASP A 12 10.79 -7.60 -16.21
CA ASP A 12 10.45 -7.95 -14.84
C ASP A 12 9.39 -7.00 -14.29
N PRO A 13 8.11 -7.34 -14.47
CA PRO A 13 7.00 -6.51 -13.97
C PRO A 13 7.05 -6.36 -12.45
N LEU A 14 7.60 -7.37 -11.78
CA LEU A 14 7.78 -7.34 -10.34
C LEU A 14 8.74 -6.22 -9.94
N GLN A 15 9.76 -6.02 -10.76
CA GLN A 15 10.76 -4.97 -10.49
C GLN A 15 10.13 -3.58 -10.62
N ALA A 16 9.30 -3.40 -11.66
CA ALA A 16 8.60 -2.16 -11.87
C ALA A 16 7.57 -1.93 -10.76
N LEU A 17 6.83 -2.98 -10.44
CA LEU A 17 5.82 -2.92 -9.40
C LEU A 17 6.42 -2.62 -8.03
N ARG A 18 7.57 -3.21 -7.74
CA ARG A 18 8.26 -2.97 -6.47
C ARG A 18 8.58 -1.48 -6.30
N ARG A 19 8.86 -0.81 -7.40
CA ARG A 19 9.08 0.63 -7.38
C ARG A 19 7.77 1.34 -7.03
N ARG A 20 6.68 0.90 -7.65
CA ARG A 20 5.37 1.48 -7.39
C ARG A 20 4.94 1.20 -5.94
N ASN A 21 5.30 0.03 -5.43
CA ASN A 21 5.04 -0.32 -4.04
C ASN A 21 5.86 0.57 -3.11
N GLN A 22 7.09 0.87 -3.52
CA GLN A 22 7.96 1.74 -2.73
C GLN A 22 7.40 3.15 -2.69
N GLU A 23 6.70 3.54 -3.76
CA GLU A 23 6.08 4.85 -3.81
C GLU A 23 5.00 4.94 -2.75
N LEU A 24 4.17 3.90 -2.68
CA LEU A 24 3.12 3.83 -1.69
C LEU A 24 3.71 3.72 -0.30
N LYS A 25 4.82 3.00 -0.19
CA LYS A 25 5.52 2.86 1.07
C LYS A 25 5.90 4.23 1.63
N GLN A 26 6.39 5.10 0.75
CA GLN A 26 6.80 6.45 1.13
C GLN A 26 5.58 7.28 1.51
N GLN A 27 4.46 7.03 0.84
CA GLN A 27 3.23 7.75 1.10
C GLN A 27 2.68 7.38 2.46
N VAL A 28 2.87 6.11 2.84
CA VAL A 28 2.45 5.63 4.16
C VAL A 28 3.32 6.26 5.25
N ASP A 29 4.63 6.26 5.03
CA ASP A 29 5.58 6.87 5.96
C ASP A 29 5.27 8.36 6.13
N SER A 30 4.90 9.01 5.03
CA SER A 30 4.53 10.42 5.06
C SER A 30 3.29 10.61 5.93
N LEU A 31 2.32 9.73 5.78
CA LEU A 31 1.08 9.82 6.55
C LEU A 31 1.39 9.74 8.04
N LEU A 32 2.20 8.76 8.40
CA LEU A 32 2.59 8.54 9.78
C LEU A 32 3.33 9.75 10.34
N SER A 33 4.09 10.42 9.49
CA SER A 33 4.83 11.60 9.89
C SER A 33 3.88 12.76 10.22
N GLU A 34 2.83 12.92 9.41
CA GLU A 34 1.88 14.00 9.61
C GLU A 34 0.91 13.68 10.74
N SER A 35 0.71 12.39 11.00
CA SER A 35 -0.28 11.95 11.96
C SER A 35 0.13 12.24 13.40
N GLN A 36 1.39 12.60 13.61
CA GLN A 36 1.89 12.84 14.96
C GLN A 36 2.04 14.33 15.23
N LEU A 37 1.54 15.14 14.30
CA LEU A 37 1.62 16.59 14.45
C LEU A 37 0.60 17.10 15.45
N LYS A 38 1.00 18.08 16.26
CA LYS A 38 0.10 18.68 17.23
C LYS A 38 -0.95 19.53 16.53
N GLU A 39 -0.57 20.10 15.39
CA GLU A 39 -1.50 20.90 14.59
C GLU A 39 -2.55 20.02 13.94
N ALA A 40 -2.26 18.72 13.88
CA ALA A 40 -3.18 17.77 13.28
C ALA A 40 -4.32 17.43 14.25
N LEU A 41 -4.27 18.03 15.42
CA LEU A 41 -5.32 17.84 16.42
C LEU A 41 -6.57 18.63 16.03
N GLU A 42 -6.42 19.56 15.10
CA GLU A 42 -7.52 20.39 14.64
C GLU A 42 -8.60 19.54 13.99
N PRO A 43 -9.89 19.81 14.25
CA PRO A 43 -10.99 18.94 13.82
C PRO A 43 -10.96 18.63 12.31
N ASN A 44 -10.80 19.66 11.48
CA ASN A 44 -10.82 19.46 10.03
C ASN A 44 -9.54 18.79 9.56
N LYS A 45 -8.41 19.24 10.07
CA LYS A 45 -7.11 18.67 9.67
C LYS A 45 -7.00 17.22 10.13
N ARG A 46 -7.64 16.90 11.25
CA ARG A 46 -7.70 15.53 11.74
C ARG A 46 -8.42 14.64 10.73
N GLN A 47 -9.47 15.17 10.14
CA GLN A 47 -10.22 14.47 9.10
C GLN A 47 -9.38 14.33 7.83
N HIS A 48 -8.51 15.31 7.59
CA HIS A 48 -7.64 15.29 6.43
C HIS A 48 -6.73 14.07 6.47
N ILE A 49 -6.31 13.68 7.67
CA ILE A 49 -5.50 12.47 7.84
C ILE A 49 -6.30 11.24 7.43
N TYR A 50 -7.52 11.14 7.96
CA TYR A 50 -8.45 10.08 7.59
C TYR A 50 -8.68 10.06 6.08
N GLN A 51 -8.78 11.24 5.48
CA GLN A 51 -8.95 11.37 4.03
C GLN A 51 -7.73 10.82 3.29
N ARG A 52 -6.54 11.13 3.81
CA ARG A 52 -5.29 10.62 3.25
C ARG A 52 -5.26 9.11 3.31
N CYS A 53 -5.75 8.57 4.41
CA CYS A 53 -5.69 7.14 4.64
C CYS A 53 -6.54 6.38 3.62
N ILE A 54 -7.73 6.90 3.36
CA ILE A 54 -8.63 6.31 2.38
C ILE A 54 -7.98 6.26 1.00
N GLN A 55 -7.32 7.34 0.62
CA GLN A 55 -6.66 7.43 -0.68
C GLN A 55 -5.53 6.42 -0.79
N LEU A 56 -4.66 6.38 0.21
CA LEU A 56 -3.54 5.44 0.23
C LEU A 56 -4.02 3.99 0.21
N LYS A 57 -5.12 3.73 0.89
CA LYS A 57 -5.68 2.38 0.94
C LYS A 57 -6.10 1.94 -0.46
N GLN A 58 -6.79 2.84 -1.16
CA GLN A 58 -7.22 2.57 -2.52
C GLN A 58 -6.00 2.34 -3.44
N ALA A 59 -4.93 3.10 -3.19
CA ALA A 59 -3.72 2.98 -3.97
C ALA A 59 -3.06 1.62 -3.78
N ILE A 60 -3.07 1.13 -2.54
CA ILE A 60 -2.51 -0.18 -2.25
C ILE A 60 -3.30 -1.26 -2.96
N ASP A 61 -4.63 -1.10 -2.98
CA ASP A 61 -5.50 -2.04 -3.65
C ASP A 61 -5.21 -2.06 -5.15
N GLU A 62 -4.89 -0.89 -5.68
CA GLU A 62 -4.55 -0.75 -7.10
C GLU A 62 -3.32 -1.59 -7.44
N ASN A 63 -2.30 -1.51 -6.59
CA ASN A 63 -1.09 -2.29 -6.78
C ASN A 63 -1.37 -3.78 -6.61
N LYS A 64 -2.17 -4.10 -5.61
CA LYS A 64 -2.56 -5.49 -5.36
C LYS A 64 -3.29 -6.06 -6.58
N ASN A 65 -4.16 -5.26 -7.17
CA ASN A 65 -4.91 -5.67 -8.36
C ASN A 65 -3.98 -5.87 -9.55
N ALA A 66 -2.96 -5.02 -9.65
CA ALA A 66 -1.96 -5.13 -10.71
C ALA A 66 -1.18 -6.43 -10.57
N LEU A 67 -0.75 -6.71 -9.34
CA LEU A 67 0.02 -7.90 -9.07
C LEU A 67 -0.82 -9.17 -9.25
N GLN A 68 -2.05 -9.14 -8.75
CA GLN A 68 -2.96 -10.25 -8.90
C GLN A 68 -3.32 -10.50 -10.36
N LYS A 69 -3.15 -9.46 -11.19
CA LYS A 69 -3.39 -9.58 -12.62
C LYS A 69 -2.17 -10.23 -13.29
N LEU A 70 -1.03 -10.13 -12.62
CA LEU A 70 0.22 -10.66 -13.12
C LEU A 70 0.39 -12.12 -12.69
N SER A 71 1.23 -12.85 -13.42
CA SER A 71 1.57 -14.22 -13.10
C SER A 71 0.36 -15.14 -13.32
N LYS A 72 -0.10 -15.18 -14.57
CA LYS A 72 -1.19 -16.08 -14.95
C LYS A 72 -0.80 -17.53 -14.70
N ALA A 73 -1.74 -18.32 -14.20
CA ALA A 73 -1.47 -19.68 -13.72
C ALA A 73 -0.89 -20.60 -14.79
N ASP A 74 -1.10 -20.26 -16.06
CA ASP A 74 -0.60 -21.08 -17.15
C ASP A 74 0.86 -20.74 -17.47
N GLU A 75 1.27 -19.53 -17.12
CA GLU A 75 2.62 -19.07 -17.44
C GLU A 75 3.18 -18.27 -16.26
N SER A 76 3.94 -18.93 -15.42
CA SER A 76 4.62 -18.29 -14.30
C SER A 76 5.91 -19.03 -13.99
N ALA A 77 7.04 -18.39 -14.27
CA ALA A 77 8.35 -19.00 -14.09
C ALA A 77 8.73 -19.09 -12.61
N PRO A 78 8.73 -20.31 -12.06
CA PRO A 78 9.11 -20.55 -10.67
C PRO A 78 10.57 -20.92 -10.55
N VAL A 79 11.45 -20.03 -11.02
CA VAL A 79 12.88 -20.29 -11.03
C VAL A 79 13.44 -20.34 -9.60
N ALA A 80 13.56 -19.19 -8.95
CA ALA A 80 14.06 -19.15 -7.58
C ALA A 80 13.45 -17.99 -6.80
N ASN A 81 14.02 -16.80 -6.92
CA ASN A 81 13.57 -15.65 -6.13
C ASN A 81 12.28 -15.08 -6.70
N TYR A 82 11.94 -15.45 -7.92
CA TYR A 82 10.71 -14.99 -8.55
C TYR A 82 9.51 -15.37 -7.69
N ASN A 83 9.56 -16.56 -7.09
CA ASN A 83 8.46 -17.05 -6.27
C ASN A 83 8.35 -16.25 -4.98
N GLN A 84 9.49 -16.03 -4.32
CA GLN A 84 9.50 -15.36 -3.05
C GLN A 84 9.19 -13.87 -3.20
N ARG A 85 9.80 -13.25 -4.21
CA ARG A 85 9.64 -11.81 -4.40
C ARG A 85 8.19 -11.47 -4.68
N LYS A 86 7.50 -12.38 -5.36
CA LYS A 86 6.09 -12.22 -5.66
C LYS A 86 5.27 -12.21 -4.36
N GLU A 87 5.63 -13.09 -3.43
CA GLU A 87 4.95 -13.16 -2.15
C GLU A 87 5.34 -11.96 -1.27
N GLU A 88 6.58 -11.52 -1.40
CA GLU A 88 7.10 -10.42 -0.61
C GLU A 88 6.27 -9.17 -0.80
N GLU A 89 5.89 -8.90 -2.05
CA GLU A 89 5.07 -7.73 -2.35
C GLU A 89 3.69 -7.88 -1.72
N HIS A 90 3.13 -9.09 -1.75
CA HIS A 90 1.85 -9.36 -1.09
C HIS A 90 1.96 -9.10 0.41
N THR A 91 3.04 -9.59 1.00
CA THR A 91 3.26 -9.44 2.44
C THR A 91 3.44 -7.97 2.81
N LEU A 92 4.12 -7.22 1.96
CA LEU A 92 4.38 -5.82 2.22
C LEU A 92 3.11 -4.99 2.13
N LEU A 93 2.38 -5.14 1.03
CA LEU A 93 1.18 -4.37 0.78
C LEU A 93 0.10 -4.68 1.82
N ASP A 94 0.08 -5.93 2.27
CA ASP A 94 -0.93 -6.36 3.24
C ASP A 94 -0.69 -5.70 4.59
N LYS A 95 0.56 -5.68 5.05
CA LYS A 95 0.90 -5.08 6.33
C LYS A 95 0.60 -3.58 6.29
N LEU A 96 0.94 -2.95 5.19
CA LEU A 96 0.63 -1.53 4.99
C LEU A 96 -0.87 -1.30 5.09
N THR A 97 -1.65 -2.20 4.49
CA THR A 97 -3.11 -2.15 4.60
C THR A 97 -3.55 -2.24 6.05
N GLN A 98 -2.88 -3.08 6.83
CA GLN A 98 -3.18 -3.24 8.24
C GLN A 98 -2.93 -1.94 9.00
N GLN A 99 -1.81 -1.29 8.68
CA GLN A 99 -1.44 -0.04 9.33
C GLN A 99 -2.48 1.05 9.09
N LEU A 100 -2.86 1.22 7.83
CA LEU A 100 -3.75 2.30 7.45
C LEU A 100 -5.15 2.07 7.98
N GLN A 101 -5.66 0.85 7.79
CA GLN A 101 -7.01 0.51 8.22
C GLN A 101 -7.12 0.63 9.73
N GLY A 102 -6.09 0.17 10.44
CA GLY A 102 -6.07 0.28 11.89
C GLY A 102 -6.06 1.72 12.35
N LEU A 103 -5.26 2.55 11.69
CA LEU A 103 -5.15 3.95 12.05
C LEU A 103 -6.43 4.70 11.71
N ALA A 104 -6.97 4.44 10.51
CA ALA A 104 -8.17 5.13 10.04
C ALA A 104 -9.32 4.98 11.02
N VAL A 105 -9.52 3.75 11.49
CA VAL A 105 -10.59 3.47 12.44
C VAL A 105 -10.33 4.15 13.77
N THR A 106 -9.07 4.17 14.19
CA THR A 106 -8.69 4.79 15.45
C THR A 106 -8.97 6.30 15.42
N ILE A 107 -8.83 6.91 14.26
CA ILE A 107 -9.06 8.34 14.11
C ILE A 107 -10.55 8.66 14.04
N SER A 108 -11.29 7.87 13.29
CA SER A 108 -12.69 8.15 13.03
C SER A 108 -13.58 7.69 14.19
N ARG A 109 -13.13 6.66 14.91
CA ARG A 109 -13.89 6.19 16.07
C ARG A 109 -13.38 6.85 17.33
N GLU A 110 -14.29 7.01 18.30
CA GLU A 110 -14.00 7.69 19.56
C GLU A 110 -13.65 9.15 19.30
N ASN A 111 -14.27 9.70 18.27
CA ASN A 111 -14.08 11.10 17.89
C ASN A 111 -15.41 11.84 18.06
N ILE A 112 -15.93 11.79 19.27
CA ILE A 112 -17.25 12.33 19.55
C ILE A 112 -17.17 13.82 19.84
N THR A 113 -17.12 14.61 18.80
CA THR A 113 -17.20 16.06 18.93
C THR A 113 -18.63 16.52 18.67
N GLU A 114 -19.07 16.37 17.43
CA GLU A 114 -20.46 16.63 17.06
C GLU A 114 -21.05 15.37 16.43
N VAL A 115 -20.30 14.28 16.54
CA VAL A 115 -20.71 13.02 15.96
C VAL A 115 -21.62 12.27 16.91
N GLY A 116 -22.89 12.63 16.91
CA GLY A 116 -23.86 12.02 17.79
C GLY A 116 -24.95 12.98 18.18
N ALA A 117 -25.40 12.90 19.41
CA ALA A 117 -26.42 13.81 19.91
C ALA A 117 -26.22 14.07 21.39
N PRO A 118 -25.95 15.33 21.76
CA PRO A 118 -25.74 15.71 23.16
C PRO A 118 -27.06 16.00 23.89
N THR A 119 -28.12 15.33 23.44
CA THR A 119 -29.43 15.51 24.03
C THR A 119 -30.27 14.24 23.82
N GLY A 1 20.73 1.66 -28.03
CA GLY A 1 21.54 2.90 -28.18
C GLY A 1 21.96 3.14 -29.62
N PRO A 2 22.96 4.01 -29.85
CA PRO A 2 23.42 4.32 -31.21
C PRO A 2 24.13 3.15 -31.88
N MET A 3 24.68 2.25 -31.07
CA MET A 3 25.38 1.09 -31.60
C MET A 3 24.37 -0.01 -31.93
N ALA A 4 23.67 -0.47 -30.91
CA ALA A 4 22.67 -1.52 -31.08
C ALA A 4 21.46 -1.25 -30.19
N MET A 5 20.30 -1.69 -30.63
CA MET A 5 19.09 -1.53 -29.85
C MET A 5 18.72 -2.83 -29.16
N LEU A 6 18.92 -2.88 -27.85
CA LEU A 6 18.63 -4.08 -27.06
C LEU A 6 17.15 -4.15 -26.73
N ALA A 7 16.40 -4.82 -27.60
CA ALA A 7 14.97 -5.00 -27.41
C ALA A 7 14.69 -5.98 -26.29
N ARG A 8 14.23 -5.48 -25.16
CA ARG A 8 13.94 -6.32 -24.00
C ARG A 8 12.85 -5.71 -23.14
N ARG A 9 11.65 -6.24 -23.27
CA ARG A 9 10.52 -5.77 -22.48
C ARG A 9 10.32 -6.67 -21.27
N GLN A 10 9.56 -6.15 -20.30
CA GLN A 10 9.31 -6.86 -19.05
C GLN A 10 10.61 -7.27 -18.38
N ARG A 11 11.58 -6.35 -18.38
CA ARG A 11 12.86 -6.60 -17.76
C ARG A 11 12.73 -6.52 -16.25
N ASP A 12 12.51 -7.69 -15.63
CA ASP A 12 12.27 -7.79 -14.19
C ASP A 12 11.07 -6.93 -13.78
N PRO A 13 9.85 -7.42 -14.07
CA PRO A 13 8.61 -6.69 -13.75
C PRO A 13 8.47 -6.45 -12.24
N LEU A 14 9.02 -7.37 -11.46
CA LEU A 14 8.96 -7.25 -10.00
C LEU A 14 9.68 -5.99 -9.53
N GLN A 15 10.86 -5.74 -10.09
CA GLN A 15 11.63 -4.54 -9.75
C GLN A 15 10.84 -3.28 -10.11
N ALA A 16 10.26 -3.25 -11.30
CA ALA A 16 9.51 -2.09 -11.76
C ALA A 16 8.29 -1.86 -10.88
N LEU A 17 7.56 -2.93 -10.61
CA LEU A 17 6.40 -2.87 -9.74
C LEU A 17 6.81 -2.50 -8.32
N ARG A 18 7.96 -3.00 -7.90
CA ARG A 18 8.50 -2.71 -6.58
C ARG A 18 8.76 -1.21 -6.43
N ARG A 19 9.15 -0.57 -7.52
CA ARG A 19 9.35 0.87 -7.53
C ARG A 19 8.03 1.58 -7.26
N ARG A 20 6.96 1.05 -7.84
CA ARG A 20 5.62 1.58 -7.62
C ARG A 20 5.17 1.33 -6.18
N ASN A 21 5.47 0.14 -5.67
CA ASN A 21 5.15 -0.20 -4.28
C ASN A 21 5.95 0.66 -3.30
N GLN A 22 7.23 0.88 -3.61
CA GLN A 22 8.10 1.71 -2.79
C GLN A 22 7.58 3.14 -2.71
N GLU A 23 6.94 3.57 -3.80
CA GLU A 23 6.38 4.90 -3.88
C GLU A 23 5.24 5.05 -2.88
N LEU A 24 4.34 4.07 -2.87
CA LEU A 24 3.24 4.05 -1.92
C LEU A 24 3.76 3.85 -0.50
N LYS A 25 4.78 3.02 -0.36
CA LYS A 25 5.37 2.76 0.95
C LYS A 25 5.88 4.05 1.58
N GLN A 26 6.55 4.87 0.77
CA GLN A 26 7.07 6.14 1.24
C GLN A 26 5.92 7.08 1.61
N GLN A 27 4.83 6.97 0.87
CA GLN A 27 3.66 7.79 1.12
C GLN A 27 2.99 7.37 2.43
N VAL A 28 3.06 6.08 2.75
CA VAL A 28 2.50 5.57 3.99
C VAL A 28 3.32 6.09 5.17
N ASP A 29 4.65 6.02 5.05
CA ASP A 29 5.55 6.56 6.07
C ASP A 29 5.28 8.05 6.27
N SER A 30 4.97 8.74 5.18
CA SER A 30 4.68 10.16 5.24
C SER A 30 3.36 10.42 5.96
N LEU A 31 2.38 9.56 5.71
CA LEU A 31 1.07 9.68 6.35
C LEU A 31 1.23 9.49 7.85
N LEU A 32 1.94 8.45 8.23
CA LEU A 32 2.20 8.15 9.62
C LEU A 32 2.96 9.28 10.29
N SER A 33 3.86 9.92 9.55
CA SER A 33 4.64 11.02 10.05
C SER A 33 3.73 12.18 10.46
N GLU A 34 2.72 12.46 9.64
CA GLU A 34 1.79 13.54 9.93
C GLU A 34 0.82 13.13 11.02
N SER A 35 0.46 11.85 11.01
CA SER A 35 -0.46 11.29 11.99
C SER A 35 0.19 11.20 13.37
N GLN A 36 1.50 11.41 13.42
CA GLN A 36 2.26 11.25 14.64
C GLN A 36 2.45 12.62 15.28
N LEU A 37 2.08 13.66 14.53
CA LEU A 37 2.20 15.03 15.02
C LEU A 37 1.14 15.31 16.06
N LYS A 38 1.54 16.01 17.11
CA LYS A 38 0.65 16.38 18.19
C LYS A 38 -0.34 17.44 17.73
N GLU A 39 0.12 18.26 16.79
CA GLU A 39 -0.72 19.29 16.18
C GLU A 39 -1.80 18.66 15.31
N ALA A 40 -1.60 17.40 14.95
CA ALA A 40 -2.52 16.70 14.06
C ALA A 40 -3.72 16.16 14.82
N LEU A 41 -3.76 16.40 16.13
CA LEU A 41 -4.91 16.03 16.93
C LEU A 41 -6.05 17.01 16.68
N GLU A 42 -5.73 18.10 16.00
CA GLU A 42 -6.72 19.08 15.55
C GLU A 42 -7.74 18.40 14.64
N PRO A 43 -9.02 18.36 15.05
CA PRO A 43 -10.10 17.69 14.31
C PRO A 43 -10.17 18.10 12.84
N ASN A 44 -9.77 19.33 12.53
CA ASN A 44 -9.80 19.80 11.15
C ASN A 44 -8.72 19.09 10.33
N LYS A 45 -7.50 19.04 10.86
CA LYS A 45 -6.39 18.34 10.21
C LYS A 45 -6.62 16.84 10.24
N ARG A 46 -7.13 16.37 11.37
CA ARG A 46 -7.45 14.96 11.57
C ARG A 46 -8.41 14.47 10.49
N GLN A 47 -9.36 15.32 10.13
CA GLN A 47 -10.31 15.02 9.07
C GLN A 47 -9.59 14.86 7.74
N HIS A 48 -8.61 15.73 7.51
CA HIS A 48 -7.85 15.71 6.27
C HIS A 48 -6.95 14.48 6.21
N ILE A 49 -6.39 14.11 7.36
CA ILE A 49 -5.53 12.93 7.46
C ILE A 49 -6.33 11.66 7.16
N TYR A 50 -7.52 11.56 7.74
CA TYR A 50 -8.42 10.44 7.48
C TYR A 50 -8.67 10.28 5.99
N GLN A 51 -8.83 11.39 5.28
CA GLN A 51 -9.06 11.36 3.84
C GLN A 51 -7.84 10.80 3.11
N ARG A 52 -6.66 11.29 3.48
CA ARG A 52 -5.42 10.82 2.88
C ARG A 52 -5.19 9.35 3.16
N CYS A 53 -5.61 8.91 4.35
CA CYS A 53 -5.46 7.52 4.73
C CYS A 53 -6.30 6.64 3.80
N ILE A 54 -7.54 7.09 3.55
CA ILE A 54 -8.42 6.39 2.62
C ILE A 54 -7.82 6.34 1.22
N GLN A 55 -7.27 7.46 0.77
CA GLN A 55 -6.69 7.54 -0.57
C GLN A 55 -5.55 6.53 -0.74
N LEU A 56 -4.61 6.55 0.21
CA LEU A 56 -3.50 5.61 0.20
C LEU A 56 -3.96 4.17 0.29
N LYS A 57 -5.00 3.94 1.08
CA LYS A 57 -5.53 2.60 1.27
C LYS A 57 -6.11 2.08 -0.06
N GLN A 58 -6.78 2.97 -0.78
CA GLN A 58 -7.28 2.65 -2.11
C GLN A 58 -6.13 2.43 -3.09
N ALA A 59 -5.05 3.19 -2.91
CA ALA A 59 -3.89 3.09 -3.79
C ALA A 59 -3.16 1.77 -3.60
N ILE A 60 -3.02 1.34 -2.35
CA ILE A 60 -2.38 0.06 -2.05
C ILE A 60 -3.26 -1.08 -2.56
N ASP A 61 -4.57 -0.93 -2.37
CA ASP A 61 -5.54 -1.90 -2.87
C ASP A 61 -5.44 -2.00 -4.39
N GLU A 62 -5.20 -0.87 -5.02
CA GLU A 62 -5.02 -0.80 -6.46
C GLU A 62 -3.82 -1.64 -6.89
N ASN A 63 -2.70 -1.46 -6.19
CA ASN A 63 -1.50 -2.25 -6.47
C ASN A 63 -1.76 -3.73 -6.20
N LYS A 64 -2.44 -4.01 -5.09
CA LYS A 64 -2.78 -5.38 -4.73
C LYS A 64 -3.58 -6.07 -5.83
N ASN A 65 -4.59 -5.37 -6.34
CA ASN A 65 -5.45 -5.93 -7.38
C ASN A 65 -4.72 -6.06 -8.70
N ALA A 66 -3.83 -5.11 -8.99
CA ALA A 66 -3.02 -5.16 -10.19
C ALA A 66 -2.03 -6.32 -10.11
N LEU A 67 -1.43 -6.48 -8.94
CA LEU A 67 -0.47 -7.54 -8.70
C LEU A 67 -1.12 -8.92 -8.85
N GLN A 68 -2.29 -9.08 -8.24
CA GLN A 68 -2.99 -10.36 -8.28
C GLN A 68 -3.43 -10.71 -9.70
N LYS A 69 -3.69 -9.68 -10.50
CA LYS A 69 -4.15 -9.88 -11.86
C LYS A 69 -2.96 -9.97 -12.83
N LEU A 70 -1.77 -9.64 -12.33
CA LEU A 70 -0.56 -9.71 -13.13
C LEU A 70 -0.21 -11.15 -13.47
N SER A 71 0.04 -11.95 -12.44
CA SER A 71 0.41 -13.34 -12.64
C SER A 71 -0.05 -14.19 -11.46
N LYS A 72 -0.36 -15.46 -11.72
CA LYS A 72 -0.81 -16.36 -10.68
C LYS A 72 0.39 -17.05 -10.04
N ALA A 73 0.69 -16.66 -8.81
CA ALA A 73 1.87 -17.17 -8.12
C ALA A 73 1.72 -18.63 -7.69
N ASP A 74 0.54 -19.20 -7.93
CA ASP A 74 0.31 -20.60 -7.61
C ASP A 74 0.56 -21.47 -8.85
N GLU A 75 0.83 -20.82 -9.97
CA GLU A 75 1.08 -21.54 -11.21
C GLU A 75 2.43 -21.11 -11.80
N SER A 76 3.47 -21.25 -11.00
CA SER A 76 4.81 -20.85 -11.41
C SER A 76 5.87 -21.62 -10.62
N ALA A 77 5.60 -22.90 -10.35
CA ALA A 77 6.49 -23.74 -9.55
C ALA A 77 7.95 -23.73 -10.03
N PRO A 78 8.22 -23.94 -11.34
CA PRO A 78 9.60 -23.91 -11.88
C PRO A 78 10.36 -22.64 -11.50
N VAL A 79 9.66 -21.50 -11.51
CA VAL A 79 10.28 -20.23 -11.21
C VAL A 79 9.99 -19.79 -9.78
N ALA A 80 10.25 -20.70 -8.84
CA ALA A 80 9.98 -20.46 -7.42
C ALA A 80 10.70 -19.21 -6.91
N ASN A 81 11.92 -18.99 -7.37
CA ASN A 81 12.69 -17.82 -6.95
C ASN A 81 11.98 -16.53 -7.32
N TYR A 82 11.31 -16.54 -8.47
CA TYR A 82 10.53 -15.39 -8.91
C TYR A 82 9.34 -15.20 -7.97
N ASN A 83 8.76 -16.32 -7.54
CA ASN A 83 7.60 -16.29 -6.64
C ASN A 83 8.01 -15.80 -5.26
N GLN A 84 9.27 -16.02 -4.89
CA GLN A 84 9.77 -15.65 -3.57
C GLN A 84 9.84 -14.14 -3.41
N ARG A 85 10.28 -13.44 -4.45
CA ARG A 85 10.31 -11.98 -4.42
C ARG A 85 8.90 -11.43 -4.57
N LYS A 86 8.08 -12.17 -5.31
CA LYS A 86 6.68 -11.85 -5.47
C LYS A 86 5.95 -11.97 -4.13
N GLU A 87 6.40 -12.93 -3.32
CA GLU A 87 5.87 -13.13 -1.99
C GLU A 87 6.08 -11.88 -1.15
N GLU A 88 7.26 -11.26 -1.32
CA GLU A 88 7.58 -10.02 -0.61
C GLU A 88 6.62 -8.90 -0.96
N GLU A 89 6.12 -8.92 -2.20
CA GLU A 89 5.16 -7.92 -2.65
C GLU A 89 3.90 -8.01 -1.81
N HIS A 90 3.43 -9.24 -1.62
CA HIS A 90 2.24 -9.48 -0.83
C HIS A 90 2.48 -9.13 0.63
N THR A 91 3.63 -9.55 1.15
CA THR A 91 3.99 -9.27 2.53
C THR A 91 4.04 -7.77 2.80
N LEU A 92 4.64 -7.02 1.88
CA LEU A 92 4.83 -5.58 2.05
C LEU A 92 3.50 -4.85 2.00
N LEU A 93 2.72 -5.13 0.96
CA LEU A 93 1.46 -4.44 0.74
C LEU A 93 0.44 -4.81 1.81
N ASP A 94 0.51 -6.04 2.31
CA ASP A 94 -0.48 -6.53 3.27
C ASP A 94 -0.41 -5.76 4.58
N LYS A 95 0.79 -5.57 5.10
CA LYS A 95 0.96 -4.86 6.36
C LYS A 95 0.68 -3.37 6.20
N LEU A 96 1.03 -2.82 5.05
CA LEU A 96 0.69 -1.44 4.73
C LEU A 96 -0.83 -1.25 4.76
N THR A 97 -1.55 -2.19 4.15
CA THR A 97 -3.01 -2.18 4.18
C THR A 97 -3.53 -2.26 5.62
N GLN A 98 -2.95 -3.18 6.40
CA GLN A 98 -3.34 -3.37 7.79
C GLN A 98 -3.11 -2.09 8.61
N GLN A 99 -1.95 -1.48 8.41
CA GLN A 99 -1.57 -0.27 9.12
C GLN A 99 -2.57 0.85 8.89
N LEU A 100 -2.92 1.07 7.63
CA LEU A 100 -3.81 2.16 7.27
C LEU A 100 -5.26 1.86 7.67
N GLN A 101 -5.71 0.65 7.39
CA GLN A 101 -7.09 0.27 7.67
C GLN A 101 -7.36 0.37 9.18
N GLY A 102 -6.43 -0.11 9.97
CA GLY A 102 -6.58 -0.03 11.41
C GLY A 102 -6.54 1.41 11.91
N LEU A 103 -5.62 2.18 11.35
CA LEU A 103 -5.46 3.58 11.74
C LEU A 103 -6.68 4.39 11.35
N ALA A 104 -7.17 4.17 10.13
CA ALA A 104 -8.31 4.91 9.61
C ALA A 104 -9.53 4.79 10.53
N VAL A 105 -9.80 3.58 10.99
CA VAL A 105 -10.90 3.34 11.90
C VAL A 105 -10.62 3.99 13.26
N THR A 106 -9.37 3.91 13.69
CA THR A 106 -8.95 4.52 14.95
C THR A 106 -9.11 6.04 14.91
N ILE A 107 -8.86 6.63 13.74
CA ILE A 107 -8.96 8.08 13.57
C ILE A 107 -10.42 8.51 13.47
N SER A 108 -11.22 7.76 12.73
CA SER A 108 -12.61 8.14 12.49
C SER A 108 -13.49 7.83 13.69
N ARG A 109 -12.98 7.03 14.61
CA ARG A 109 -13.72 6.67 15.81
C ARG A 109 -12.83 6.82 17.04
N GLU A 110 -12.93 7.98 17.68
CA GLU A 110 -12.08 8.33 18.81
C GLU A 110 -12.37 7.44 20.02
N ASN A 111 -13.62 7.03 20.18
CA ASN A 111 -14.03 6.29 21.36
C ASN A 111 -14.62 4.93 20.98
N ILE A 112 -13.82 4.09 20.34
CA ILE A 112 -14.25 2.75 19.97
C ILE A 112 -14.55 1.93 21.22
N THR A 113 -15.83 1.73 21.49
CA THR A 113 -16.25 1.00 22.68
C THR A 113 -16.48 -0.48 22.35
N GLU A 114 -16.76 -0.74 21.07
CA GLU A 114 -17.00 -2.10 20.57
C GLU A 114 -18.32 -2.66 21.14
N VAL A 115 -18.30 -3.06 22.40
CA VAL A 115 -19.47 -3.64 23.03
C VAL A 115 -20.31 -2.56 23.72
N GLY A 116 -21.39 -2.16 23.07
CA GLY A 116 -22.26 -1.15 23.64
C GLY A 116 -23.16 -0.55 22.58
N ALA A 117 -22.86 0.67 22.17
CA ALA A 117 -23.63 1.34 21.13
C ALA A 117 -22.73 1.72 19.96
N PRO A 118 -22.46 0.77 19.04
CA PRO A 118 -21.65 1.03 17.87
C PRO A 118 -22.48 1.51 16.68
N THR A 119 -23.78 1.71 16.93
CA THR A 119 -24.74 2.16 15.92
C THR A 119 -24.70 1.27 14.67
N GLY A 1 5.09 -12.87 -38.67
CA GLY A 1 4.37 -12.00 -37.72
C GLY A 1 5.08 -10.67 -37.53
N PRO A 2 4.60 -9.83 -36.60
CA PRO A 2 5.22 -8.53 -36.32
C PRO A 2 6.62 -8.68 -35.70
N MET A 3 7.61 -8.14 -36.38
CA MET A 3 8.99 -8.24 -35.91
C MET A 3 9.41 -7.00 -35.14
N ALA A 4 8.44 -6.11 -34.89
CA ALA A 4 8.70 -4.90 -34.15
C ALA A 4 8.09 -4.97 -32.75
N MET A 5 8.17 -6.14 -32.14
CA MET A 5 7.58 -6.36 -30.82
C MET A 5 8.64 -6.22 -29.73
N LEU A 6 9.52 -5.23 -29.90
CA LEU A 6 10.58 -4.97 -28.92
C LEU A 6 10.07 -4.07 -27.81
N ALA A 7 8.75 -3.96 -27.70
CA ALA A 7 8.12 -3.11 -26.70
C ALA A 7 8.04 -3.81 -25.36
N ARG A 8 8.34 -5.09 -25.34
CA ARG A 8 8.28 -5.88 -24.12
C ARG A 8 9.50 -5.60 -23.24
N ARG A 9 9.44 -4.48 -22.52
CA ARG A 9 10.55 -4.07 -21.67
C ARG A 9 10.27 -4.40 -20.22
N GLN A 10 9.05 -4.82 -19.94
CA GLN A 10 8.66 -5.23 -18.60
C GLN A 10 9.19 -6.62 -18.27
N ARG A 11 10.51 -6.75 -18.26
CA ARG A 11 11.16 -7.97 -17.84
C ARG A 11 11.20 -8.01 -16.32
N ASP A 12 10.57 -9.01 -15.75
CA ASP A 12 10.34 -9.08 -14.31
C ASP A 12 9.51 -7.86 -13.87
N PRO A 13 8.19 -7.89 -14.15
CA PRO A 13 7.27 -6.80 -13.79
C PRO A 13 7.32 -6.47 -12.30
N LEU A 14 7.67 -7.47 -11.50
CA LEU A 14 7.76 -7.30 -10.05
C LEU A 14 8.71 -6.17 -9.69
N GLN A 15 9.86 -6.09 -10.36
CA GLN A 15 10.84 -5.04 -10.08
C GLN A 15 10.24 -3.66 -10.28
N ALA A 16 9.59 -3.45 -11.43
CA ALA A 16 9.01 -2.16 -11.76
C ALA A 16 7.85 -1.84 -10.83
N LEU A 17 6.97 -2.82 -10.63
CA LEU A 17 5.82 -2.65 -9.76
C LEU A 17 6.26 -2.45 -8.31
N ARG A 18 7.31 -3.16 -7.90
CA ARG A 18 7.86 -3.02 -6.56
C ARG A 18 8.32 -1.59 -6.33
N ARG A 19 8.97 -1.02 -7.33
CA ARG A 19 9.44 0.36 -7.24
C ARG A 19 8.24 1.28 -7.01
N ARG A 20 7.15 0.98 -7.69
CA ARG A 20 5.90 1.72 -7.52
C ARG A 20 5.34 1.50 -6.12
N ASN A 21 5.39 0.26 -5.64
CA ASN A 21 4.94 -0.06 -4.29
C ASN A 21 5.77 0.69 -3.26
N GLN A 22 7.08 0.74 -3.49
CA GLN A 22 8.00 1.45 -2.61
C GLN A 22 7.67 2.93 -2.57
N GLU A 23 7.16 3.44 -3.69
CA GLU A 23 6.78 4.83 -3.80
C GLU A 23 5.54 5.10 -2.95
N LEU A 24 4.58 4.18 -3.02
CA LEU A 24 3.38 4.27 -2.19
C LEU A 24 3.74 4.08 -0.72
N LYS A 25 4.70 3.19 -0.45
CA LYS A 25 5.16 2.97 0.92
C LYS A 25 5.69 4.27 1.52
N GLN A 26 6.43 5.04 0.71
CA GLN A 26 6.96 6.33 1.16
C GLN A 26 5.81 7.26 1.55
N GLN A 27 4.71 7.16 0.83
CA GLN A 27 3.54 7.98 1.09
C GLN A 27 2.87 7.54 2.39
N VAL A 28 2.86 6.23 2.61
CA VAL A 28 2.24 5.65 3.81
C VAL A 28 3.06 6.00 5.04
N ASP A 29 4.37 5.78 4.95
CA ASP A 29 5.28 6.05 6.06
C ASP A 29 5.20 7.52 6.48
N SER A 30 5.05 8.40 5.49
CA SER A 30 4.92 9.81 5.78
C SER A 30 3.62 10.08 6.53
N LEU A 31 2.53 9.43 6.11
CA LEU A 31 1.23 9.67 6.70
C LEU A 31 1.20 9.18 8.15
N LEU A 32 1.83 8.04 8.39
CA LEU A 32 1.84 7.43 9.72
C LEU A 32 2.66 8.27 10.69
N SER A 33 3.82 8.71 10.23
CA SER A 33 4.70 9.51 11.06
C SER A 33 4.10 10.88 11.36
N GLU A 34 3.31 11.40 10.42
CA GLU A 34 2.65 12.69 10.63
C GLU A 34 1.48 12.53 11.59
N SER A 35 0.89 11.34 11.57
CA SER A 35 -0.22 11.01 12.45
C SER A 35 0.25 10.80 13.90
N GLN A 36 1.57 10.72 14.09
CA GLN A 36 2.13 10.43 15.39
C GLN A 36 2.67 11.70 16.04
N LEU A 37 2.41 12.83 15.37
CA LEU A 37 2.82 14.12 15.87
C LEU A 37 1.88 14.57 16.98
N LYS A 38 2.41 15.31 17.94
CA LYS A 38 1.60 15.84 19.04
C LYS A 38 0.64 16.89 18.51
N GLU A 39 1.04 17.59 17.46
CA GLU A 39 0.17 18.58 16.84
C GLU A 39 -0.96 17.90 16.07
N ALA A 40 -0.77 16.62 15.78
CA ALA A 40 -1.76 15.86 15.02
C ALA A 40 -2.87 15.36 15.93
N LEU A 41 -2.77 15.69 17.21
CA LEU A 41 -3.83 15.37 18.16
C LEU A 41 -5.05 16.24 17.88
N GLU A 42 -4.83 17.28 17.09
CA GLU A 42 -5.89 18.18 16.64
C GLU A 42 -6.86 17.43 15.73
N PRO A 43 -8.13 17.28 16.16
CA PRO A 43 -9.17 16.58 15.38
C PRO A 43 -9.34 17.15 13.98
N ASN A 44 -9.09 18.45 13.82
CA ASN A 44 -9.19 19.09 12.52
C ASN A 44 -8.17 18.52 11.55
N LYS A 45 -6.93 18.34 12.02
CA LYS A 45 -5.88 17.73 11.21
C LYS A 45 -6.15 16.24 11.03
N ARG A 46 -6.72 15.62 12.05
CA ARG A 46 -7.07 14.21 12.02
C ARG A 46 -8.01 13.91 10.86
N GLN A 47 -8.91 14.84 10.58
CA GLN A 47 -9.84 14.71 9.46
C GLN A 47 -9.07 14.63 8.14
N HIS A 48 -8.02 15.44 8.04
CA HIS A 48 -7.20 15.47 6.84
C HIS A 48 -6.50 14.12 6.65
N ILE A 49 -6.13 13.51 7.76
CA ILE A 49 -5.43 12.23 7.76
C ILE A 49 -6.36 11.12 7.25
N TYR A 50 -7.58 11.07 7.77
CA TYR A 50 -8.58 10.08 7.35
C TYR A 50 -8.78 10.10 5.84
N GLN A 51 -8.82 11.29 5.26
CA GLN A 51 -9.00 11.44 3.82
C GLN A 51 -7.84 10.80 3.06
N ARG A 52 -6.62 11.08 3.50
CA ARG A 52 -5.43 10.54 2.85
C ARG A 52 -5.34 9.04 3.01
N CYS A 53 -5.85 8.54 4.14
CA CYS A 53 -5.86 7.11 4.41
C CYS A 53 -6.70 6.38 3.37
N ILE A 54 -7.88 6.95 3.08
CA ILE A 54 -8.77 6.41 2.06
C ILE A 54 -8.07 6.35 0.70
N GLN A 55 -7.40 7.42 0.34
CA GLN A 55 -6.72 7.52 -0.95
C GLN A 55 -5.65 6.45 -1.09
N LEU A 56 -4.78 6.36 -0.08
CA LEU A 56 -3.72 5.35 -0.07
C LEU A 56 -4.29 3.93 -0.09
N LYS A 57 -5.41 3.73 0.60
CA LYS A 57 -6.07 2.43 0.58
C LYS A 57 -6.43 2.05 -0.85
N GLN A 58 -7.00 3.01 -1.57
CA GLN A 58 -7.35 2.81 -2.98
C GLN A 58 -6.12 2.47 -3.81
N ALA A 59 -5.02 3.18 -3.55
CA ALA A 59 -3.78 2.97 -4.28
C ALA A 59 -3.20 1.59 -4.02
N ILE A 60 -3.20 1.17 -2.76
CA ILE A 60 -2.68 -0.14 -2.40
C ILE A 60 -3.54 -1.24 -2.98
N ASP A 61 -4.85 -1.07 -2.89
CA ASP A 61 -5.80 -2.03 -3.46
C ASP A 61 -5.58 -2.16 -4.97
N GLU A 62 -5.35 -1.02 -5.60
CA GLU A 62 -5.11 -0.98 -7.03
C GLU A 62 -3.85 -1.74 -7.40
N ASN A 63 -2.77 -1.51 -6.66
CA ASN A 63 -1.51 -2.21 -6.90
C ASN A 63 -1.64 -3.68 -6.57
N LYS A 64 -2.35 -3.99 -5.49
CA LYS A 64 -2.64 -5.38 -5.10
C LYS A 64 -3.34 -6.11 -6.24
N ASN A 65 -4.35 -5.45 -6.81
CA ASN A 65 -5.10 -6.03 -7.92
C ASN A 65 -4.22 -6.16 -9.16
N ALA A 66 -3.38 -5.16 -9.39
CA ALA A 66 -2.47 -5.18 -10.52
C ALA A 66 -1.45 -6.30 -10.36
N LEU A 67 -0.99 -6.48 -9.13
CA LEU A 67 -0.01 -7.52 -8.81
C LEU A 67 -0.61 -8.91 -8.97
N GLN A 68 -1.84 -9.10 -8.48
CA GLN A 68 -2.54 -10.37 -8.63
C GLN A 68 -2.71 -10.73 -10.10
N LYS A 69 -2.81 -9.71 -10.94
CA LYS A 69 -3.02 -9.90 -12.37
C LYS A 69 -1.72 -10.36 -13.04
N LEU A 70 -0.61 -10.21 -12.33
CA LEU A 70 0.70 -10.61 -12.83
C LEU A 70 1.14 -11.92 -12.18
N SER A 71 0.29 -12.92 -12.23
CA SER A 71 0.57 -14.18 -11.56
C SER A 71 0.97 -15.27 -12.56
N LYS A 72 1.73 -16.26 -12.07
CA LYS A 72 2.22 -17.38 -12.89
C LYS A 72 3.01 -16.87 -14.09
N ALA A 73 3.67 -15.73 -13.91
CA ALA A 73 4.40 -15.09 -15.00
C ALA A 73 5.76 -15.73 -15.23
N ASP A 74 6.30 -16.38 -14.21
CA ASP A 74 7.62 -16.99 -14.32
C ASP A 74 7.52 -18.37 -14.95
N GLU A 75 6.33 -18.97 -14.82
CA GLU A 75 6.02 -20.28 -15.42
C GLU A 75 6.83 -21.40 -14.78
N SER A 76 6.56 -22.63 -15.22
CA SER A 76 7.28 -23.81 -14.75
C SER A 76 7.03 -24.09 -13.26
N ALA A 77 7.74 -25.06 -12.71
CA ALA A 77 7.58 -25.42 -11.30
C ALA A 77 8.51 -24.61 -10.39
N PRO A 78 9.84 -24.53 -10.68
CA PRO A 78 10.79 -23.77 -9.85
C PRO A 78 10.56 -22.26 -9.91
N VAL A 79 9.58 -21.81 -9.15
CA VAL A 79 9.23 -20.40 -9.12
C VAL A 79 9.61 -19.77 -7.78
N ALA A 80 10.57 -20.38 -7.11
CA ALA A 80 10.98 -19.98 -5.77
C ALA A 80 11.34 -18.50 -5.70
N ASN A 81 12.18 -18.07 -6.63
CA ASN A 81 12.68 -16.70 -6.64
C ASN A 81 11.58 -15.70 -6.99
N TYR A 82 10.86 -15.97 -8.07
CA TYR A 82 9.85 -15.05 -8.56
C TYR A 82 8.68 -14.95 -7.58
N ASN A 83 8.25 -16.09 -7.04
CA ASN A 83 7.13 -16.10 -6.12
C ASN A 83 7.51 -15.51 -4.78
N GLN A 84 8.80 -15.59 -4.42
CA GLN A 84 9.26 -15.01 -3.18
C GLN A 84 9.12 -13.49 -3.20
N ARG A 85 9.58 -12.89 -4.30
CA ARG A 85 9.48 -11.44 -4.46
C ARG A 85 8.01 -11.03 -4.53
N LYS A 86 7.22 -11.84 -5.22
CA LYS A 86 5.79 -11.61 -5.34
C LYS A 86 5.12 -11.70 -3.96
N GLU A 87 5.55 -12.69 -3.18
CA GLU A 87 5.04 -12.91 -1.84
C GLU A 87 5.45 -11.77 -0.90
N GLU A 88 6.66 -11.28 -1.08
CA GLU A 88 7.18 -10.21 -0.25
C GLU A 88 6.37 -8.92 -0.48
N GLU A 89 6.01 -8.67 -1.73
CA GLU A 89 5.15 -7.53 -2.05
C GLU A 89 3.80 -7.68 -1.34
N HIS A 90 3.23 -8.89 -1.40
CA HIS A 90 1.98 -9.17 -0.70
C HIS A 90 2.14 -8.91 0.79
N THR A 91 3.27 -9.35 1.35
CA THR A 91 3.56 -9.18 2.75
C THR A 91 3.64 -7.70 3.13
N LEU A 92 4.30 -6.91 2.28
CA LEU A 92 4.47 -5.49 2.55
C LEU A 92 3.15 -4.73 2.41
N LEU A 93 2.48 -4.93 1.28
CA LEU A 93 1.22 -4.23 1.01
C LEU A 93 0.17 -4.59 2.04
N ASP A 94 0.20 -5.81 2.52
CA ASP A 94 -0.72 -6.26 3.57
C ASP A 94 -0.48 -5.46 4.84
N LYS A 95 0.78 -5.32 5.23
CA LYS A 95 1.16 -4.51 6.39
C LYS A 95 0.77 -3.04 6.18
N LEU A 96 1.03 -2.53 4.99
CA LEU A 96 0.69 -1.15 4.67
C LEU A 96 -0.81 -0.93 4.83
N THR A 97 -1.59 -1.87 4.31
CA THR A 97 -3.03 -1.86 4.49
C THR A 97 -3.40 -1.87 5.97
N GLN A 98 -2.71 -2.70 6.74
CA GLN A 98 -2.97 -2.82 8.18
C GLN A 98 -2.70 -1.50 8.90
N GLN A 99 -1.57 -0.89 8.60
CA GLN A 99 -1.15 0.35 9.26
C GLN A 99 -2.17 1.46 9.00
N LEU A 100 -2.69 1.52 7.78
CA LEU A 100 -3.70 2.50 7.42
C LEU A 100 -5.06 2.15 8.03
N GLN A 101 -5.39 0.86 7.98
CA GLN A 101 -6.67 0.37 8.48
C GLN A 101 -6.77 0.60 9.98
N GLY A 102 -5.69 0.30 10.70
CA GLY A 102 -5.67 0.57 12.13
C GLY A 102 -5.81 2.04 12.44
N LEU A 103 -5.13 2.87 11.63
CA LEU A 103 -5.19 4.31 11.77
C LEU A 103 -6.61 4.83 11.52
N ALA A 104 -7.24 4.34 10.46
CA ALA A 104 -8.57 4.79 10.07
C ALA A 104 -9.59 4.50 11.16
N VAL A 105 -9.56 3.28 11.70
CA VAL A 105 -10.47 2.90 12.76
C VAL A 105 -10.26 3.77 14.00
N THR A 106 -9.00 4.07 14.27
CA THR A 106 -8.64 4.92 15.40
C THR A 106 -9.25 6.32 15.24
N ILE A 107 -9.36 6.78 14.00
CA ILE A 107 -9.96 8.07 13.70
C ILE A 107 -11.48 8.01 13.75
N SER A 108 -12.04 6.93 13.25
CA SER A 108 -13.49 6.76 13.24
C SER A 108 -14.01 6.49 14.66
N ARG A 109 -13.11 6.10 15.54
CA ARG A 109 -13.44 5.84 16.93
C ARG A 109 -12.44 6.56 17.83
N GLU A 110 -12.70 7.84 18.07
CA GLU A 110 -11.81 8.67 18.87
C GLU A 110 -12.00 8.37 20.36
N ASN A 111 -11.28 7.37 20.84
CA ASN A 111 -11.37 6.95 22.23
C ASN A 111 -10.66 7.93 23.15
N ILE A 112 -11.34 9.01 23.50
CA ILE A 112 -10.81 9.97 24.44
C ILE A 112 -11.14 9.52 25.86
N THR A 113 -10.52 8.40 26.25
CA THR A 113 -10.85 7.75 27.50
C THR A 113 -10.02 8.33 28.66
N GLU A 114 -10.67 8.53 29.79
CA GLU A 114 -10.01 9.02 30.98
C GLU A 114 -10.85 8.70 32.22
N VAL A 115 -10.19 8.26 33.28
CA VAL A 115 -10.87 7.93 34.52
C VAL A 115 -10.83 9.09 35.49
N GLY A 116 -11.17 10.27 34.98
CA GLY A 116 -11.11 11.47 35.78
C GLY A 116 -9.73 12.10 35.76
N ALA A 117 -9.53 13.12 36.57
CA ALA A 117 -8.26 13.80 36.65
C ALA A 117 -7.91 14.12 38.10
N PRO A 118 -7.41 13.12 38.86
CA PRO A 118 -7.07 13.29 40.26
C PRO A 118 -5.71 13.95 40.44
N THR A 119 -5.51 15.08 39.78
CA THR A 119 -4.26 15.80 39.84
C THR A 119 -4.44 17.13 40.56
N GLY A 1 4.57 -16.93 -27.59
CA GLY A 1 4.62 -17.19 -29.05
C GLY A 1 5.97 -16.86 -29.62
N PRO A 2 6.18 -17.08 -30.93
CA PRO A 2 7.44 -16.75 -31.59
C PRO A 2 7.80 -15.27 -31.45
N MET A 3 8.93 -15.00 -30.82
CA MET A 3 9.34 -13.63 -30.55
C MET A 3 10.15 -13.05 -31.70
N ALA A 4 9.51 -12.86 -32.83
CA ALA A 4 10.14 -12.23 -33.98
C ALA A 4 10.24 -10.73 -33.75
N MET A 5 9.08 -10.13 -33.44
CA MET A 5 9.02 -8.71 -33.10
C MET A 5 8.33 -8.53 -31.76
N LEU A 6 7.90 -9.65 -31.19
CA LEU A 6 7.24 -9.66 -29.90
C LEU A 6 8.26 -9.44 -28.78
N ALA A 7 8.20 -8.26 -28.16
CA ALA A 7 9.16 -7.89 -27.14
C ALA A 7 8.70 -8.33 -25.77
N ARG A 8 9.12 -9.51 -25.36
CA ARG A 8 8.79 -10.04 -24.05
C ARG A 8 10.03 -10.55 -23.35
N ARG A 9 11.08 -9.75 -23.39
CA ARG A 9 12.30 -10.04 -22.65
C ARG A 9 12.34 -9.21 -21.38
N GLN A 10 13.14 -9.65 -20.42
CA GLN A 10 13.23 -8.99 -19.12
C GLN A 10 11.85 -8.90 -18.48
N ARG A 11 11.21 -10.06 -18.36
CA ARG A 11 9.85 -10.12 -17.83
C ARG A 11 9.88 -10.06 -16.31
N ASP A 12 10.13 -8.87 -15.79
CA ASP A 12 10.18 -8.65 -14.34
C ASP A 12 9.25 -7.52 -13.93
N PRO A 13 7.92 -7.67 -14.14
CA PRO A 13 6.94 -6.64 -13.77
C PRO A 13 6.93 -6.38 -12.27
N LEU A 14 7.28 -7.43 -11.52
CA LEU A 14 7.31 -7.34 -10.06
C LEU A 14 8.24 -6.24 -9.59
N GLN A 15 9.38 -6.08 -10.27
CA GLN A 15 10.36 -5.08 -9.88
C GLN A 15 9.81 -3.67 -10.09
N ALA A 16 9.25 -3.43 -11.27
CA ALA A 16 8.65 -2.14 -11.59
C ALA A 16 7.48 -1.84 -10.66
N LEU A 17 6.64 -2.83 -10.44
CA LEU A 17 5.49 -2.70 -9.57
C LEU A 17 5.92 -2.50 -8.12
N ARG A 18 6.94 -3.24 -7.70
CA ARG A 18 7.52 -3.07 -6.37
C ARG A 18 8.05 -1.66 -6.20
N ARG A 19 8.66 -1.14 -7.25
CA ARG A 19 9.13 0.24 -7.27
C ARG A 19 7.96 1.19 -7.04
N ARG A 20 6.84 0.92 -7.70
CA ARG A 20 5.61 1.67 -7.50
C ARG A 20 5.15 1.54 -6.04
N ASN A 21 5.20 0.32 -5.50
CA ASN A 21 4.81 0.07 -4.12
C ASN A 21 5.73 0.81 -3.14
N GLN A 22 7.01 0.92 -3.49
CA GLN A 22 7.96 1.66 -2.67
C GLN A 22 7.60 3.13 -2.62
N GLU A 23 7.02 3.61 -3.72
CA GLU A 23 6.56 4.99 -3.81
C GLU A 23 5.40 5.19 -2.85
N LEU A 24 4.46 4.25 -2.86
CA LEU A 24 3.34 4.27 -1.91
C LEU A 24 3.84 4.08 -0.49
N LYS A 25 4.86 3.25 -0.32
CA LYS A 25 5.44 3.01 1.00
C LYS A 25 5.91 4.32 1.61
N GLN A 26 6.53 5.16 0.79
CA GLN A 26 7.00 6.46 1.23
C GLN A 26 5.82 7.38 1.54
N GLN A 27 4.74 7.22 0.77
CA GLN A 27 3.53 8.02 1.00
C GLN A 27 2.89 7.61 2.32
N VAL A 28 3.00 6.32 2.66
CA VAL A 28 2.49 5.80 3.91
C VAL A 28 3.31 6.34 5.07
N ASP A 29 4.63 6.26 4.95
CA ASP A 29 5.55 6.78 5.96
C ASP A 29 5.33 8.28 6.15
N SER A 30 5.02 8.96 5.06
CA SER A 30 4.75 10.39 5.10
C SER A 30 3.48 10.66 5.91
N LEU A 31 2.43 9.87 5.67
CA LEU A 31 1.18 10.04 6.37
C LEU A 31 1.35 9.77 7.85
N LEU A 32 2.00 8.66 8.16
CA LEU A 32 2.27 8.28 9.54
C LEU A 32 3.13 9.33 10.24
N SER A 33 4.03 9.95 9.47
CA SER A 33 4.89 10.99 10.00
C SER A 33 4.06 12.18 10.46
N GLU A 34 3.06 12.54 9.66
CA GLU A 34 2.21 13.67 9.99
C GLU A 34 1.23 13.28 11.09
N SER A 35 0.85 12.01 11.09
CA SER A 35 -0.08 11.47 12.07
C SER A 35 0.58 11.30 13.43
N GLN A 36 1.91 11.45 13.46
CA GLN A 36 2.68 11.20 14.66
C GLN A 36 3.01 12.52 15.33
N LEU A 37 2.74 13.61 14.62
CA LEU A 37 3.01 14.95 15.12
C LEU A 37 2.12 15.26 16.32
N LYS A 38 2.71 15.86 17.34
CA LYS A 38 1.96 16.27 18.52
C LYS A 38 0.94 17.33 18.14
N GLU A 39 1.27 18.11 17.11
CA GLU A 39 0.38 19.14 16.58
C GLU A 39 -0.78 18.51 15.81
N ALA A 40 -0.63 17.25 15.44
CA ALA A 40 -1.64 16.57 14.65
C ALA A 40 -2.70 15.95 15.54
N LEU A 41 -2.55 16.10 16.83
CA LEU A 41 -3.53 15.61 17.79
C LEU A 41 -4.79 16.48 17.74
N GLU A 42 -4.71 17.59 17.01
CA GLU A 42 -5.83 18.49 16.88
C GLU A 42 -6.90 17.91 15.96
N PRO A 43 -8.17 17.89 16.39
CA PRO A 43 -9.26 17.19 15.70
C PRO A 43 -9.28 17.43 14.19
N ASN A 44 -9.10 18.68 13.77
CA ASN A 44 -9.18 19.04 12.36
C ASN A 44 -8.14 18.28 11.54
N LYS A 45 -6.92 18.18 12.05
CA LYS A 45 -5.86 17.47 11.36
C LYS A 45 -6.19 15.98 11.25
N ARG A 46 -6.70 15.41 12.33
CA ARG A 46 -7.07 14.00 12.35
C ARG A 46 -8.07 13.68 11.26
N GLN A 47 -9.07 14.56 11.11
CA GLN A 47 -10.10 14.39 10.09
C GLN A 47 -9.48 14.42 8.69
N HIS A 48 -8.49 15.28 8.50
CA HIS A 48 -7.82 15.42 7.21
C HIS A 48 -6.99 14.17 6.91
N ILE A 49 -6.41 13.60 7.97
CA ILE A 49 -5.60 12.40 7.85
C ILE A 49 -6.46 11.20 7.41
N TYR A 50 -7.65 11.09 8.00
CA TYR A 50 -8.59 10.01 7.66
C TYR A 50 -8.87 9.96 6.15
N GLN A 51 -9.02 11.14 5.54
CA GLN A 51 -9.29 11.23 4.11
C GLN A 51 -8.09 10.74 3.31
N ARG A 52 -6.90 11.14 3.74
CA ARG A 52 -5.66 10.73 3.07
C ARG A 52 -5.42 9.24 3.23
N CYS A 53 -5.87 8.68 4.34
CA CYS A 53 -5.68 7.26 4.61
C CYS A 53 -6.51 6.44 3.62
N ILE A 54 -7.73 6.88 3.37
CA ILE A 54 -8.60 6.25 2.40
C ILE A 54 -7.96 6.26 1.01
N GLN A 55 -7.32 7.37 0.68
CA GLN A 55 -6.69 7.52 -0.63
C GLN A 55 -5.55 6.52 -0.81
N LEU A 56 -4.64 6.48 0.15
CA LEU A 56 -3.51 5.55 0.10
C LEU A 56 -3.98 4.10 0.09
N LYS A 57 -5.02 3.81 0.85
CA LYS A 57 -5.56 2.45 0.91
C LYS A 57 -6.07 2.03 -0.46
N GLN A 58 -6.72 2.96 -1.15
CA GLN A 58 -7.21 2.71 -2.51
C GLN A 58 -6.03 2.48 -3.45
N ALA A 59 -4.96 3.24 -3.24
CA ALA A 59 -3.76 3.15 -4.07
C ALA A 59 -3.07 1.80 -3.91
N ILE A 60 -2.92 1.36 -2.66
CA ILE A 60 -2.27 0.09 -2.39
C ILE A 60 -3.11 -1.05 -2.96
N ASP A 61 -4.42 -0.95 -2.79
CA ASP A 61 -5.36 -1.93 -3.32
C ASP A 61 -5.24 -2.00 -4.84
N GLU A 62 -5.01 -0.85 -5.46
CA GLU A 62 -4.84 -0.74 -6.89
C GLU A 62 -3.64 -1.57 -7.36
N ASN A 63 -2.52 -1.42 -6.68
CA ASN A 63 -1.32 -2.16 -7.05
C ASN A 63 -1.46 -3.63 -6.69
N LYS A 64 -2.17 -3.91 -5.59
CA LYS A 64 -2.49 -5.29 -5.22
C LYS A 64 -3.25 -5.98 -6.36
N ASN A 65 -4.23 -5.27 -6.90
CA ASN A 65 -5.03 -5.77 -8.01
C ASN A 65 -4.17 -5.98 -9.25
N ALA A 66 -3.23 -5.08 -9.46
CA ALA A 66 -2.31 -5.18 -10.59
C ALA A 66 -1.41 -6.39 -10.41
N LEU A 67 -0.88 -6.54 -9.20
CA LEU A 67 0.02 -7.63 -8.87
C LEU A 67 -0.69 -8.98 -9.04
N GLN A 68 -1.94 -9.04 -8.58
CA GLN A 68 -2.74 -10.25 -8.71
C GLN A 68 -2.98 -10.61 -10.18
N LYS A 69 -3.06 -9.60 -11.04
CA LYS A 69 -3.32 -9.82 -12.45
C LYS A 69 -2.05 -10.23 -13.18
N LEU A 70 -0.91 -9.77 -12.67
CA LEU A 70 0.38 -10.10 -13.26
C LEU A 70 0.83 -11.48 -12.78
N SER A 71 0.17 -12.51 -13.29
CA SER A 71 0.47 -13.88 -12.90
C SER A 71 1.36 -14.55 -13.94
N LYS A 72 2.20 -15.49 -13.51
CA LYS A 72 3.09 -16.18 -14.43
C LYS A 72 3.33 -17.61 -13.98
N ALA A 73 2.55 -18.07 -13.01
CA ALA A 73 2.76 -19.39 -12.41
C ALA A 73 2.18 -20.51 -13.27
N ASP A 74 1.14 -20.22 -14.04
CA ASP A 74 0.49 -21.24 -14.84
C ASP A 74 1.20 -21.42 -16.18
N GLU A 75 1.88 -20.37 -16.62
CA GLU A 75 2.60 -20.42 -17.89
C GLU A 75 4.05 -20.83 -17.67
N SER A 76 4.47 -20.90 -16.42
CA SER A 76 5.85 -21.22 -16.09
C SER A 76 5.92 -21.84 -14.70
N ALA A 77 6.36 -23.08 -14.62
CA ALA A 77 6.47 -23.78 -13.36
C ALA A 77 7.79 -23.48 -12.63
N PRO A 78 8.98 -23.63 -13.28
CA PRO A 78 10.26 -23.36 -12.63
C PRO A 78 10.57 -21.87 -12.50
N VAL A 79 9.74 -21.16 -11.73
CA VAL A 79 9.96 -19.75 -11.46
C VAL A 79 9.71 -19.43 -9.99
N ALA A 80 10.30 -20.25 -9.12
CA ALA A 80 10.12 -20.09 -7.69
C ALA A 80 10.61 -18.73 -7.21
N ASN A 81 11.65 -18.23 -7.87
CA ASN A 81 12.19 -16.91 -7.56
C ASN A 81 11.18 -15.81 -7.90
N TYR A 82 10.48 -15.98 -9.02
CA TYR A 82 9.46 -15.02 -9.44
C TYR A 82 8.27 -15.08 -8.48
N ASN A 83 7.91 -16.30 -8.09
CA ASN A 83 6.79 -16.50 -7.18
C ASN A 83 7.08 -15.92 -5.80
N GLN A 84 8.29 -16.14 -5.32
CA GLN A 84 8.69 -15.69 -3.98
C GLN A 84 8.58 -14.18 -3.86
N ARG A 85 9.08 -13.46 -4.86
CA ARG A 85 9.05 -11.99 -4.85
C ARG A 85 7.61 -11.51 -4.85
N LYS A 86 6.75 -12.28 -5.52
CA LYS A 86 5.33 -11.97 -5.59
C LYS A 86 4.66 -12.21 -4.24
N GLU A 87 5.00 -13.33 -3.61
CA GLU A 87 4.41 -13.71 -2.32
C GLU A 87 4.88 -12.76 -1.22
N GLU A 88 6.17 -12.44 -1.22
CA GLU A 88 6.75 -11.54 -0.23
C GLU A 88 6.18 -10.13 -0.37
N GLU A 89 5.84 -9.76 -1.60
CA GLU A 89 5.25 -8.45 -1.85
C GLU A 89 3.85 -8.38 -1.25
N HIS A 90 3.15 -9.50 -1.29
CA HIS A 90 1.83 -9.61 -0.64
C HIS A 90 1.97 -9.39 0.85
N THR A 91 3.00 -9.99 1.43
CA THR A 91 3.27 -9.85 2.86
C THR A 91 3.53 -8.39 3.22
N LEU A 92 4.24 -7.67 2.35
CA LEU A 92 4.55 -6.27 2.56
C LEU A 92 3.30 -5.40 2.43
N LEU A 93 2.59 -5.58 1.32
CA LEU A 93 1.42 -4.75 1.02
C LEU A 93 0.31 -4.97 2.03
N ASP A 94 0.21 -6.19 2.55
CA ASP A 94 -0.82 -6.51 3.52
C ASP A 94 -0.61 -5.71 4.80
N LYS A 95 0.64 -5.66 5.27
CA LYS A 95 0.98 -4.89 6.46
C LYS A 95 0.64 -3.42 6.28
N LEU A 96 1.07 -2.84 5.17
CA LEU A 96 0.82 -1.43 4.90
C LEU A 96 -0.68 -1.13 4.88
N THR A 97 -1.44 -1.97 4.19
CA THR A 97 -2.89 -1.86 4.16
C THR A 97 -3.48 -1.98 5.56
N GLN A 98 -3.02 -2.97 6.31
CA GLN A 98 -3.51 -3.22 7.65
C GLN A 98 -3.20 -2.07 8.59
N GLN A 99 -2.00 -1.52 8.46
CA GLN A 99 -1.53 -0.45 9.32
C GLN A 99 -2.37 0.81 9.10
N LEU A 100 -2.69 1.10 7.84
CA LEU A 100 -3.49 2.27 7.50
C LEU A 100 -4.94 2.07 7.92
N GLN A 101 -5.49 0.91 7.59
CA GLN A 101 -6.88 0.60 7.92
C GLN A 101 -7.10 0.62 9.43
N GLY A 102 -6.08 0.17 10.17
CA GLY A 102 -6.15 0.24 11.61
C GLY A 102 -6.18 1.67 12.11
N LEU A 103 -5.30 2.49 11.53
CA LEU A 103 -5.22 3.91 11.89
C LEU A 103 -6.50 4.63 11.52
N ALA A 104 -7.04 4.31 10.36
CA ALA A 104 -8.27 4.93 9.88
C ALA A 104 -9.41 4.71 10.87
N VAL A 105 -9.56 3.47 11.34
CA VAL A 105 -10.59 3.15 12.30
C VAL A 105 -10.32 3.83 13.64
N THR A 106 -9.03 3.95 13.99
CA THR A 106 -8.63 4.61 15.21
C THR A 106 -9.09 6.08 15.20
N ILE A 107 -8.96 6.71 14.04
CA ILE A 107 -9.38 8.10 13.88
C ILE A 107 -10.90 8.18 13.71
N SER A 108 -11.47 7.19 13.03
CA SER A 108 -12.90 7.13 12.81
C SER A 108 -13.65 6.98 14.14
N ARG A 109 -12.96 6.40 15.12
CA ARG A 109 -13.54 6.18 16.43
C ARG A 109 -12.70 6.92 17.48
N GLU A 110 -12.51 8.21 17.25
CA GLU A 110 -11.66 9.01 18.10
C GLU A 110 -12.40 9.43 19.36
N ASN A 111 -13.53 10.11 19.17
CA ASN A 111 -14.31 10.61 20.30
C ASN A 111 -15.77 10.75 19.88
N ILE A 112 -16.43 9.62 19.68
CA ILE A 112 -17.81 9.62 19.19
C ILE A 112 -18.80 9.62 20.35
N THR A 113 -19.06 8.45 20.92
CA THR A 113 -20.12 8.30 21.91
C THR A 113 -19.56 8.30 23.33
N GLU A 114 -18.25 8.44 23.45
CA GLU A 114 -17.59 8.41 24.75
C GLU A 114 -17.65 9.76 25.45
N VAL A 115 -18.54 10.62 24.95
CA VAL A 115 -18.82 11.90 25.59
C VAL A 115 -20.32 12.02 25.83
N GLY A 116 -20.97 10.87 25.93
CA GLY A 116 -22.40 10.82 26.15
C GLY A 116 -22.75 10.28 27.51
N ALA A 117 -23.27 11.13 28.38
CA ALA A 117 -23.62 10.74 29.74
C ALA A 117 -25.05 11.14 30.05
N PRO A 118 -25.71 10.46 31.01
CA PRO A 118 -27.10 10.76 31.38
C PRO A 118 -27.18 11.96 32.32
N THR A 119 -26.65 13.09 31.88
CA THR A 119 -26.66 14.30 32.67
C THR A 119 -26.72 15.51 31.76
N GLY A 1 22.44 7.89 -19.06
CA GLY A 1 22.08 6.45 -19.09
C GLY A 1 20.86 6.20 -19.95
N PRO A 2 20.97 5.31 -20.96
CA PRO A 2 19.86 5.00 -21.86
C PRO A 2 18.67 4.39 -21.12
N MET A 3 18.96 3.58 -20.10
CA MET A 3 17.92 2.92 -19.33
C MET A 3 18.16 3.15 -17.84
N ALA A 4 18.15 4.41 -17.44
CA ALA A 4 18.36 4.76 -16.04
C ALA A 4 17.13 4.41 -15.20
N MET A 5 15.96 4.40 -15.85
CA MET A 5 14.73 3.99 -15.20
C MET A 5 14.37 2.58 -15.64
N LEU A 6 14.72 1.59 -14.83
CA LEU A 6 14.48 0.19 -15.17
C LEU A 6 13.01 -0.19 -14.95
N ALA A 7 12.13 0.40 -15.75
CA ALA A 7 10.73 0.04 -15.74
C ALA A 7 10.53 -1.21 -16.60
N ARG A 8 10.94 -2.34 -16.05
CA ARG A 8 10.96 -3.60 -16.80
C ARG A 8 9.55 -3.99 -17.26
N ARG A 9 8.70 -4.33 -16.30
CA ARG A 9 7.27 -4.62 -16.55
C ARG A 9 7.05 -5.95 -17.29
N GLN A 10 7.69 -6.11 -18.44
CA GLN A 10 7.48 -7.26 -19.31
C GLN A 10 7.89 -8.56 -18.63
N ARG A 11 9.18 -8.75 -18.40
CA ARG A 11 9.69 -9.97 -17.81
C ARG A 11 9.88 -9.79 -16.31
N ASP A 12 10.01 -8.55 -15.88
CA ASP A 12 10.17 -8.25 -14.46
C ASP A 12 9.11 -7.27 -13.99
N PRO A 13 7.83 -7.69 -13.94
CA PRO A 13 6.74 -6.85 -13.44
C PRO A 13 6.93 -6.53 -11.96
N LEU A 14 7.46 -7.50 -11.24
CA LEU A 14 7.65 -7.36 -9.79
C LEU A 14 8.61 -6.23 -9.47
N GLN A 15 9.67 -6.10 -10.27
CA GLN A 15 10.65 -5.04 -10.05
C GLN A 15 10.04 -3.66 -10.29
N ALA A 16 9.34 -3.51 -11.41
CA ALA A 16 8.73 -2.24 -11.76
C ALA A 16 7.60 -1.89 -10.79
N LEU A 17 6.77 -2.87 -10.49
CA LEU A 17 5.68 -2.69 -9.55
C LEU A 17 6.22 -2.38 -8.15
N ARG A 18 7.34 -3.00 -7.79
CA ARG A 18 7.99 -2.73 -6.50
C ARG A 18 8.36 -1.26 -6.39
N ARG A 19 8.75 -0.67 -7.51
CA ARG A 19 9.07 0.75 -7.56
C ARG A 19 7.84 1.58 -7.20
N ARG A 20 6.69 1.17 -7.73
CA ARG A 20 5.43 1.81 -7.38
C ARG A 20 5.02 1.48 -5.95
N ASN A 21 5.31 0.27 -5.50
CA ASN A 21 5.03 -0.12 -4.12
C ASN A 21 5.89 0.71 -3.16
N GLN A 22 7.15 0.94 -3.53
CA GLN A 22 8.04 1.77 -2.73
C GLN A 22 7.53 3.21 -2.68
N GLU A 23 6.88 3.61 -3.75
CA GLU A 23 6.34 4.96 -3.86
C GLU A 23 5.23 5.13 -2.83
N LEU A 24 4.34 4.15 -2.80
CA LEU A 24 3.23 4.13 -1.85
C LEU A 24 3.75 3.93 -0.44
N LYS A 25 4.78 3.11 -0.29
CA LYS A 25 5.39 2.86 1.01
C LYS A 25 5.87 4.17 1.65
N GLN A 26 6.56 4.98 0.85
CA GLN A 26 7.07 6.27 1.34
C GLN A 26 5.91 7.19 1.70
N GLN A 27 4.80 7.05 0.98
CA GLN A 27 3.62 7.85 1.24
C GLN A 27 2.98 7.40 2.56
N VAL A 28 3.08 6.10 2.84
CA VAL A 28 2.57 5.55 4.10
C VAL A 28 3.42 6.06 5.26
N ASP A 29 4.74 6.07 5.08
CA ASP A 29 5.66 6.63 6.07
C ASP A 29 5.31 8.08 6.33
N SER A 30 4.91 8.78 5.28
CA SER A 30 4.51 10.16 5.37
C SER A 30 3.24 10.30 6.20
N LEU A 31 2.29 9.40 5.99
CA LEU A 31 1.02 9.43 6.70
C LEU A 31 1.27 9.19 8.19
N LEU A 32 2.16 8.26 8.48
CA LEU A 32 2.49 7.93 9.86
C LEU A 32 3.12 9.11 10.58
N SER A 33 3.97 9.83 9.88
CA SER A 33 4.64 11.00 10.47
C SER A 33 3.66 12.16 10.66
N GLU A 34 2.68 12.29 9.77
CA GLU A 34 1.72 13.39 9.84
C GLU A 34 0.72 13.16 10.96
N SER A 35 0.31 11.92 11.14
CA SER A 35 -0.74 11.56 12.08
C SER A 35 -0.27 11.70 13.53
N GLN A 36 1.03 11.87 13.74
CA GLN A 36 1.56 11.93 15.09
C GLN A 36 1.89 13.37 15.45
N LEU A 37 1.59 14.28 14.54
CA LEU A 37 1.87 15.70 14.75
C LEU A 37 0.83 16.30 15.69
N LYS A 38 1.33 17.06 16.65
CA LYS A 38 0.50 17.64 17.70
C LYS A 38 -0.48 18.65 17.11
N GLU A 39 -0.05 19.34 16.06
CA GLU A 39 -0.91 20.32 15.40
C GLU A 39 -1.93 19.63 14.51
N ALA A 40 -1.64 18.39 14.15
CA ALA A 40 -2.51 17.64 13.25
C ALA A 40 -3.51 16.81 14.03
N LEU A 41 -3.42 16.89 15.35
CA LEU A 41 -4.34 16.16 16.22
C LEU A 41 -5.62 16.94 16.44
N GLU A 42 -5.73 18.08 15.75
CA GLU A 42 -6.93 18.91 15.84
C GLU A 42 -8.10 18.21 15.16
N PRO A 43 -9.33 18.35 15.69
CA PRO A 43 -10.50 17.58 15.24
C PRO A 43 -10.69 17.62 13.73
N ASN A 44 -10.64 18.82 13.15
CA ASN A 44 -10.93 18.99 11.73
C ASN A 44 -9.85 18.34 10.87
N LYS A 45 -8.59 18.51 11.28
CA LYS A 45 -7.46 17.96 10.54
C LYS A 45 -7.54 16.44 10.49
N ARG A 46 -8.10 15.84 11.54
CA ARG A 46 -8.26 14.39 11.62
C ARG A 46 -9.05 13.87 10.41
N GLN A 47 -10.10 14.59 10.05
CA GLN A 47 -10.93 14.22 8.91
C GLN A 47 -10.14 14.31 7.61
N HIS A 48 -9.25 15.29 7.54
CA HIS A 48 -8.43 15.49 6.35
C HIS A 48 -7.40 14.36 6.24
N ILE A 49 -6.85 13.94 7.37
CA ILE A 49 -5.89 12.85 7.40
C ILE A 49 -6.58 11.54 7.07
N TYR A 50 -7.76 11.33 7.66
CA TYR A 50 -8.57 10.16 7.37
C TYR A 50 -8.83 10.03 5.86
N GLN A 51 -9.08 11.16 5.21
CA GLN A 51 -9.30 11.17 3.77
C GLN A 51 -8.02 10.72 3.03
N ARG A 52 -6.89 11.26 3.47
CA ARG A 52 -5.60 10.94 2.86
C ARG A 52 -5.24 9.48 3.09
N CYS A 53 -5.65 8.95 4.23
CA CYS A 53 -5.39 7.56 4.55
C CYS A 53 -6.19 6.65 3.63
N ILE A 54 -7.45 7.03 3.38
CA ILE A 54 -8.30 6.32 2.43
C ILE A 54 -7.67 6.30 1.04
N GLN A 55 -7.09 7.43 0.64
CA GLN A 55 -6.47 7.55 -0.67
C GLN A 55 -5.33 6.54 -0.82
N LEU A 56 -4.44 6.51 0.17
CA LEU A 56 -3.32 5.56 0.17
C LEU A 56 -3.82 4.12 0.17
N LYS A 57 -4.87 3.86 0.93
CA LYS A 57 -5.42 2.51 1.04
C LYS A 57 -5.91 2.02 -0.32
N GLN A 58 -6.64 2.90 -1.02
CA GLN A 58 -7.14 2.58 -2.35
C GLN A 58 -6.00 2.37 -3.33
N ALA A 59 -4.94 3.14 -3.17
CA ALA A 59 -3.77 3.04 -4.04
C ALA A 59 -3.06 1.70 -3.85
N ILE A 60 -2.96 1.26 -2.61
CA ILE A 60 -2.33 -0.02 -2.30
C ILE A 60 -3.15 -1.17 -2.87
N ASP A 61 -4.46 -1.10 -2.69
CA ASP A 61 -5.38 -2.11 -3.21
C ASP A 61 -5.27 -2.19 -4.72
N GLU A 62 -5.06 -1.03 -5.34
CA GLU A 62 -4.88 -0.94 -6.78
C GLU A 62 -3.65 -1.74 -7.23
N ASN A 63 -2.55 -1.55 -6.53
CA ASN A 63 -1.31 -2.26 -6.84
C ASN A 63 -1.47 -3.75 -6.58
N LYS A 64 -2.11 -4.08 -5.47
CA LYS A 64 -2.38 -5.47 -5.11
C LYS A 64 -3.23 -6.15 -6.18
N ASN A 65 -4.28 -5.47 -6.61
CA ASN A 65 -5.20 -6.02 -7.60
C ASN A 65 -4.51 -6.19 -8.95
N ALA A 66 -3.62 -5.25 -9.28
CA ALA A 66 -2.85 -5.34 -10.51
C ALA A 66 -1.94 -6.55 -10.50
N LEU A 67 -1.22 -6.73 -9.39
CA LEU A 67 -0.32 -7.86 -9.23
C LEU A 67 -1.09 -9.18 -9.25
N GLN A 68 -2.21 -9.21 -8.54
CA GLN A 68 -3.06 -10.38 -8.47
C GLN A 68 -3.63 -10.73 -9.85
N LYS A 69 -3.80 -9.73 -10.69
CA LYS A 69 -4.36 -9.92 -12.03
C LYS A 69 -3.32 -10.53 -12.97
N LEU A 70 -2.04 -10.38 -12.61
CA LEU A 70 -0.95 -10.95 -13.40
C LEU A 70 -0.85 -12.45 -13.14
N SER A 71 -1.78 -13.20 -13.70
CA SER A 71 -1.82 -14.64 -13.53
C SER A 71 -1.11 -15.34 -14.67
N LYS A 72 0.03 -14.81 -15.07
CA LYS A 72 0.81 -15.40 -16.15
C LYS A 72 1.61 -16.59 -15.61
N ALA A 73 0.99 -17.77 -15.62
CA ALA A 73 1.63 -18.95 -15.09
C ALA A 73 2.62 -19.56 -16.06
N ASP A 74 2.39 -19.38 -17.36
CA ASP A 74 3.26 -19.97 -18.37
C ASP A 74 4.23 -18.92 -18.93
N GLU A 75 3.84 -17.66 -18.88
CA GLU A 75 4.73 -16.58 -19.34
C GLU A 75 5.57 -16.06 -18.18
N SER A 76 6.06 -16.98 -17.37
CA SER A 76 6.85 -16.65 -16.22
C SER A 76 7.64 -17.88 -15.79
N ALA A 77 8.68 -17.68 -14.99
CA ALA A 77 9.48 -18.79 -14.51
C ALA A 77 9.39 -18.88 -12.99
N PRO A 78 8.40 -19.65 -12.48
CA PRO A 78 8.21 -19.85 -11.04
C PRO A 78 9.26 -20.78 -10.44
N VAL A 79 10.52 -20.41 -10.56
CA VAL A 79 11.61 -21.23 -10.07
C VAL A 79 11.80 -21.07 -8.57
N ALA A 80 12.30 -19.91 -8.14
CA ALA A 80 12.55 -19.65 -6.74
C ALA A 80 12.54 -18.16 -6.42
N ASN A 81 13.48 -17.42 -6.99
CA ASN A 81 13.61 -15.99 -6.73
C ASN A 81 12.33 -15.24 -7.08
N TYR A 82 11.74 -15.61 -8.21
CA TYR A 82 10.52 -14.96 -8.67
C TYR A 82 9.37 -15.27 -7.71
N ASN A 83 9.34 -16.49 -7.20
CA ASN A 83 8.28 -16.91 -6.29
C ASN A 83 8.41 -16.18 -4.96
N GLN A 84 9.65 -16.05 -4.50
CA GLN A 84 9.95 -15.43 -3.23
C GLN A 84 9.47 -13.98 -3.21
N ARG A 85 9.86 -13.21 -4.24
CA ARG A 85 9.54 -11.80 -4.28
C ARG A 85 8.05 -11.57 -4.46
N LYS A 86 7.39 -12.43 -5.22
CA LYS A 86 5.96 -12.29 -5.45
C LYS A 86 5.20 -12.35 -4.12
N GLU A 87 5.66 -13.23 -3.23
CA GLU A 87 5.05 -13.36 -1.92
C GLU A 87 5.41 -12.15 -1.05
N GLU A 88 6.66 -11.69 -1.17
CA GLU A 88 7.16 -10.59 -0.35
C GLU A 88 6.40 -9.30 -0.64
N GLU A 89 6.06 -9.06 -1.91
CA GLU A 89 5.29 -7.88 -2.28
C GLU A 89 3.95 -7.90 -1.57
N HIS A 90 3.33 -9.08 -1.53
CA HIS A 90 2.06 -9.25 -0.81
C HIS A 90 2.26 -9.02 0.68
N THR A 91 3.40 -9.46 1.20
CA THR A 91 3.70 -9.30 2.62
C THR A 91 3.87 -7.83 2.98
N LEU A 92 4.48 -7.07 2.09
CA LEU A 92 4.71 -5.65 2.32
C LEU A 92 3.38 -4.89 2.23
N LEU A 93 2.65 -5.09 1.14
CA LEU A 93 1.41 -4.37 0.90
C LEU A 93 0.36 -4.73 1.92
N ASP A 94 0.36 -5.98 2.38
CA ASP A 94 -0.64 -6.44 3.33
C ASP A 94 -0.50 -5.70 4.66
N LYS A 95 0.73 -5.55 5.15
CA LYS A 95 0.97 -4.83 6.40
C LYS A 95 0.54 -3.38 6.26
N LEU A 96 0.91 -2.77 5.15
CA LEU A 96 0.57 -1.38 4.89
C LEU A 96 -0.95 -1.19 4.89
N THR A 97 -1.65 -2.08 4.20
CA THR A 97 -3.10 -2.07 4.16
C THR A 97 -3.70 -2.21 5.56
N GLN A 98 -3.18 -3.15 6.33
CA GLN A 98 -3.70 -3.43 7.65
C GLN A 98 -3.41 -2.28 8.61
N GLN A 99 -2.21 -1.72 8.51
CA GLN A 99 -1.79 -0.61 9.36
C GLN A 99 -2.66 0.61 9.12
N LEU A 100 -2.83 0.96 7.84
CA LEU A 100 -3.61 2.12 7.47
C LEU A 100 -5.06 1.96 7.88
N GLN A 101 -5.62 0.78 7.62
CA GLN A 101 -7.01 0.51 7.98
C GLN A 101 -7.20 0.62 9.49
N GLY A 102 -6.23 0.11 10.25
CA GLY A 102 -6.30 0.21 11.69
C GLY A 102 -6.17 1.64 12.18
N LEU A 103 -5.23 2.37 11.58
CA LEU A 103 -4.98 3.75 11.94
C LEU A 103 -6.15 4.64 11.53
N ALA A 104 -6.68 4.42 10.34
CA ALA A 104 -7.80 5.18 9.82
C ALA A 104 -8.99 5.13 10.78
N VAL A 105 -9.31 3.93 11.23
CA VAL A 105 -10.38 3.73 12.18
C VAL A 105 -10.06 4.41 13.52
N THR A 106 -8.79 4.42 13.87
CA THR A 106 -8.33 5.09 15.08
C THR A 106 -8.53 6.61 14.98
N ILE A 107 -8.21 7.16 13.80
CA ILE A 107 -8.34 8.60 13.58
C ILE A 107 -9.81 9.02 13.56
N SER A 108 -10.64 8.19 12.94
CA SER A 108 -12.05 8.48 12.83
C SER A 108 -12.77 8.11 14.12
N ARG A 109 -12.01 7.50 15.04
CA ARG A 109 -12.51 7.09 16.35
C ARG A 109 -13.56 6.00 16.23
N GLU A 110 -14.26 5.74 17.32
CA GLU A 110 -15.29 4.72 17.36
C GLU A 110 -16.58 5.21 16.70
N ASN A 111 -16.44 5.80 15.53
CA ASN A 111 -17.58 6.27 14.75
C ASN A 111 -18.15 5.12 13.96
N ILE A 112 -18.76 4.17 14.66
CA ILE A 112 -19.36 3.01 14.04
C ILE A 112 -20.47 3.45 13.10
N THR A 113 -21.18 4.49 13.50
CA THR A 113 -22.19 5.11 12.66
C THR A 113 -21.51 6.03 11.63
N GLU A 114 -20.68 5.44 10.79
CA GLU A 114 -19.99 6.18 9.75
C GLU A 114 -20.77 6.14 8.45
N VAL A 115 -21.76 5.25 8.40
CA VAL A 115 -22.53 5.04 7.19
C VAL A 115 -23.62 6.10 7.05
N GLY A 116 -23.27 7.22 6.44
CA GLY A 116 -24.22 8.26 6.18
C GLY A 116 -24.94 8.04 4.86
N ALA A 117 -25.80 7.04 4.82
CA ALA A 117 -26.49 6.68 3.60
C ALA A 117 -28.01 6.77 3.79
N PRO A 118 -28.65 7.80 3.21
CA PRO A 118 -30.10 7.97 3.31
C PRO A 118 -30.86 7.10 2.30
N THR A 119 -30.22 6.01 1.88
CA THR A 119 -30.82 5.09 0.94
C THR A 119 -31.54 3.95 1.65
N GLY A 1 19.49 0.17 -30.53
CA GLY A 1 18.16 0.68 -30.91
C GLY A 1 18.00 2.16 -30.62
N PRO A 2 16.77 2.64 -30.39
CA PRO A 2 16.50 4.05 -30.13
C PRO A 2 17.20 4.56 -28.87
N MET A 3 18.01 5.60 -29.04
CA MET A 3 18.75 6.22 -27.94
C MET A 3 19.72 5.21 -27.30
N ALA A 4 20.12 5.48 -26.07
CA ALA A 4 21.04 4.59 -25.36
C ALA A 4 20.29 3.53 -24.58
N MET A 5 19.47 3.97 -23.64
CA MET A 5 18.71 3.07 -22.79
C MET A 5 17.23 3.40 -22.82
N LEU A 6 16.50 2.79 -23.74
CA LEU A 6 15.07 2.97 -23.83
C LEU A 6 14.36 1.73 -23.28
N ALA A 7 13.50 1.95 -22.30
CA ALA A 7 12.70 0.88 -21.72
C ALA A 7 11.55 0.50 -22.66
N ARG A 8 11.91 -0.09 -23.79
CA ARG A 8 10.94 -0.48 -24.81
C ARG A 8 10.36 -1.86 -24.50
N ARG A 9 11.06 -2.62 -23.67
CA ARG A 9 10.60 -3.94 -23.27
C ARG A 9 10.42 -3.99 -21.75
N GLN A 10 9.19 -4.12 -21.31
CA GLN A 10 8.89 -4.20 -19.89
C GLN A 10 9.15 -5.62 -19.39
N ARG A 11 10.43 -5.94 -19.18
CA ARG A 11 10.80 -7.25 -18.71
C ARG A 11 10.85 -7.26 -17.19
N ASP A 12 10.41 -8.36 -16.61
CA ASP A 12 10.35 -8.54 -15.15
C ASP A 12 9.43 -7.49 -14.53
N PRO A 13 8.10 -7.63 -14.74
CA PRO A 13 7.10 -6.68 -14.24
C PRO A 13 7.11 -6.53 -12.72
N LEU A 14 7.52 -7.58 -12.02
CA LEU A 14 7.60 -7.53 -10.56
C LEU A 14 8.53 -6.41 -10.11
N GLN A 15 9.62 -6.21 -10.83
CA GLN A 15 10.56 -5.13 -10.53
C GLN A 15 9.89 -3.77 -10.66
N ALA A 16 9.13 -3.59 -11.74
CA ALA A 16 8.42 -2.34 -11.98
C ALA A 16 7.39 -2.09 -10.89
N LEU A 17 6.64 -3.13 -10.55
CA LEU A 17 5.65 -3.03 -9.48
C LEU A 17 6.32 -2.77 -8.13
N ARG A 18 7.48 -3.39 -7.92
CA ARG A 18 8.24 -3.19 -6.70
C ARG A 18 8.59 -1.71 -6.55
N ARG A 19 8.90 -1.07 -7.68
CA ARG A 19 9.18 0.36 -7.70
C ARG A 19 7.95 1.15 -7.28
N ARG A 20 6.79 0.73 -7.80
CA ARG A 20 5.52 1.32 -7.42
C ARG A 20 5.25 1.15 -5.93
N ASN A 21 5.54 -0.04 -5.41
CA ASN A 21 5.35 -0.32 -3.99
C ASN A 21 6.24 0.55 -3.12
N GLN A 22 7.47 0.78 -3.58
CA GLN A 22 8.40 1.64 -2.85
C GLN A 22 7.89 3.07 -2.80
N GLU A 23 7.16 3.45 -3.85
CA GLU A 23 6.58 4.78 -3.94
C GLU A 23 5.43 4.89 -2.93
N LEU A 24 4.60 3.86 -2.88
CA LEU A 24 3.47 3.80 -1.94
C LEU A 24 3.97 3.77 -0.51
N LYS A 25 5.04 3.02 -0.27
CA LYS A 25 5.60 2.91 1.07
C LYS A 25 6.00 4.29 1.59
N GLN A 26 6.58 5.10 0.72
CA GLN A 26 6.96 6.46 1.08
C GLN A 26 5.73 7.29 1.41
N GLN A 27 4.64 7.02 0.71
CA GLN A 27 3.38 7.73 0.93
C GLN A 27 2.79 7.37 2.29
N VAL A 28 2.93 6.10 2.67
CA VAL A 28 2.43 5.61 3.94
C VAL A 28 3.24 6.21 5.09
N ASP A 29 4.57 6.17 4.95
CA ASP A 29 5.46 6.77 5.93
C ASP A 29 5.19 8.27 6.05
N SER A 30 4.80 8.88 4.94
CA SER A 30 4.45 10.30 4.93
C SER A 30 3.22 10.54 5.81
N LEU A 31 2.23 9.65 5.70
CA LEU A 31 1.03 9.75 6.51
C LEU A 31 1.36 9.61 7.98
N LEU A 32 2.18 8.60 8.28
CA LEU A 32 2.64 8.36 9.65
C LEU A 32 3.41 9.57 10.18
N SER A 33 4.11 10.26 9.29
CA SER A 33 4.87 11.45 9.67
C SER A 33 3.92 12.55 10.18
N GLU A 34 2.78 12.72 9.52
CA GLU A 34 1.81 13.71 9.94
C GLU A 34 1.09 13.23 11.20
N SER A 35 0.78 11.95 11.22
CA SER A 35 0.06 11.32 12.31
C SER A 35 0.92 11.26 13.58
N GLN A 36 2.21 11.57 13.44
CA GLN A 36 3.15 11.45 14.55
C GLN A 36 3.31 12.80 15.24
N LEU A 37 2.69 13.81 14.67
CA LEU A 37 2.80 15.16 15.19
C LEU A 37 1.72 15.42 16.24
N LYS A 38 2.00 16.34 17.16
CA LYS A 38 1.05 16.70 18.20
C LYS A 38 -0.10 17.50 17.61
N GLU A 39 0.19 18.23 16.54
CA GLU A 39 -0.81 19.03 15.85
C GLU A 39 -1.85 18.14 15.16
N ALA A 40 -1.49 16.88 14.96
CA ALA A 40 -2.34 15.94 14.25
C ALA A 40 -3.52 15.50 15.11
N LEU A 41 -3.46 15.79 16.40
CA LEU A 41 -4.56 15.44 17.31
C LEU A 41 -5.62 16.53 17.29
N GLU A 42 -5.42 17.52 16.43
CA GLU A 42 -6.40 18.59 16.23
C GLU A 42 -7.48 18.09 15.27
N PRO A 43 -8.76 18.02 15.71
CA PRO A 43 -9.83 17.37 14.95
C PRO A 43 -9.87 17.72 13.47
N ASN A 44 -9.67 19.00 13.14
CA ASN A 44 -9.70 19.45 11.75
C ASN A 44 -8.64 18.72 10.91
N LYS A 45 -7.42 18.68 11.41
CA LYS A 45 -6.33 17.99 10.72
C LYS A 45 -6.48 16.49 10.83
N ARG A 46 -6.94 16.04 12.00
CA ARG A 46 -7.09 14.63 12.29
C ARG A 46 -8.09 13.98 11.33
N GLN A 47 -9.21 14.66 11.10
CA GLN A 47 -10.21 14.15 10.17
C GLN A 47 -9.68 14.17 8.74
N HIS A 48 -8.82 15.13 8.46
CA HIS A 48 -8.18 15.22 7.15
C HIS A 48 -7.25 14.04 6.94
N ILE A 49 -6.61 13.60 8.02
CA ILE A 49 -5.75 12.42 7.98
C ILE A 49 -6.53 11.19 7.52
N TYR A 50 -7.75 11.06 8.04
CA TYR A 50 -8.66 9.98 7.64
C TYR A 50 -8.87 9.96 6.13
N GLN A 51 -8.99 11.14 5.51
CA GLN A 51 -9.18 11.23 4.07
C GLN A 51 -7.93 10.76 3.34
N ARG A 52 -6.76 11.18 3.82
CA ARG A 52 -5.50 10.75 3.26
C ARG A 52 -5.34 9.25 3.38
N CYS A 53 -5.82 8.71 4.50
CA CYS A 53 -5.67 7.30 4.80
C CYS A 53 -6.48 6.46 3.82
N ILE A 54 -7.69 6.92 3.53
CA ILE A 54 -8.56 6.26 2.56
C ILE A 54 -7.90 6.23 1.18
N GLN A 55 -7.38 7.37 0.75
CA GLN A 55 -6.80 7.48 -0.58
C GLN A 55 -5.58 6.57 -0.73
N LEU A 56 -4.67 6.63 0.23
CA LEU A 56 -3.48 5.78 0.22
C LEU A 56 -3.86 4.31 0.24
N LYS A 57 -4.91 3.96 0.97
CA LYS A 57 -5.36 2.58 1.02
C LYS A 57 -5.85 2.14 -0.36
N GLN A 58 -6.54 3.04 -1.05
CA GLN A 58 -7.05 2.78 -2.39
C GLN A 58 -5.89 2.54 -3.37
N ALA A 59 -4.80 3.27 -3.16
CA ALA A 59 -3.63 3.14 -4.02
C ALA A 59 -2.97 1.78 -3.83
N ILE A 60 -2.91 1.32 -2.58
CA ILE A 60 -2.32 0.02 -2.28
C ILE A 60 -3.19 -1.09 -2.85
N ASP A 61 -4.50 -0.94 -2.70
CA ASP A 61 -5.46 -1.91 -3.23
C ASP A 61 -5.30 -2.03 -4.75
N GLU A 62 -5.09 -0.88 -5.38
CA GLU A 62 -4.91 -0.82 -6.83
C GLU A 62 -3.70 -1.63 -7.26
N ASN A 63 -2.58 -1.43 -6.58
CA ASN A 63 -1.34 -2.14 -6.89
C ASN A 63 -1.46 -3.61 -6.53
N LYS A 64 -2.14 -3.90 -5.43
CA LYS A 64 -2.41 -5.27 -5.03
C LYS A 64 -3.24 -5.97 -6.10
N ASN A 65 -4.25 -5.27 -6.61
CA ASN A 65 -5.11 -5.81 -7.65
C ASN A 65 -4.34 -5.96 -8.95
N ALA A 66 -3.44 -5.03 -9.22
CA ALA A 66 -2.60 -5.09 -10.40
C ALA A 66 -1.72 -6.34 -10.38
N LEU A 67 -1.14 -6.61 -9.21
CA LEU A 67 -0.30 -7.78 -9.02
C LEU A 67 -1.11 -9.06 -9.18
N GLN A 68 -2.30 -9.09 -8.62
CA GLN A 68 -3.16 -10.26 -8.71
C GLN A 68 -3.75 -10.39 -10.12
N LYS A 69 -3.83 -9.26 -10.83
CA LYS A 69 -4.27 -9.26 -12.23
C LYS A 69 -3.15 -9.80 -13.12
N LEU A 70 -1.93 -9.69 -12.63
CA LEU A 70 -0.77 -10.23 -13.32
C LEU A 70 -0.71 -11.74 -13.06
N SER A 71 -1.67 -12.45 -13.63
CA SER A 71 -1.81 -13.87 -13.41
C SER A 71 -0.99 -14.67 -14.43
N LYS A 72 0.26 -14.96 -14.09
CA LYS A 72 1.09 -15.84 -14.92
C LYS A 72 1.17 -17.22 -14.29
N ALA A 73 0.01 -17.75 -13.91
CA ALA A 73 -0.09 -19.05 -13.28
C ALA A 73 0.15 -20.18 -14.28
N ASP A 74 0.24 -19.81 -15.55
CA ASP A 74 0.53 -20.76 -16.62
C ASP A 74 2.04 -21.01 -16.68
N GLU A 75 2.75 -20.40 -15.73
CA GLU A 75 4.19 -20.58 -15.54
C GLU A 75 5.00 -19.73 -16.51
N SER A 76 5.64 -18.70 -15.96
CA SER A 76 6.51 -17.84 -16.76
C SER A 76 7.97 -18.16 -16.46
N ALA A 77 8.37 -17.99 -15.20
CA ALA A 77 9.72 -18.32 -14.76
C ALA A 77 9.79 -18.44 -13.25
N PRO A 78 9.07 -19.42 -12.65
CA PRO A 78 9.04 -19.60 -11.20
C PRO A 78 10.24 -20.41 -10.71
N VAL A 79 11.43 -19.90 -10.96
CA VAL A 79 12.65 -20.59 -10.60
C VAL A 79 12.90 -20.53 -9.10
N ALA A 80 13.06 -19.33 -8.56
CA ALA A 80 13.28 -19.16 -7.13
C ALA A 80 12.92 -17.74 -6.68
N ASN A 81 13.57 -16.76 -7.28
CA ASN A 81 13.34 -15.35 -6.92
C ASN A 81 11.92 -14.94 -7.25
N TYR A 82 11.40 -15.43 -8.36
CA TYR A 82 10.06 -15.08 -8.83
C TYR A 82 9.02 -15.39 -7.77
N ASN A 83 9.18 -16.51 -7.09
CA ASN A 83 8.23 -16.95 -6.07
C ASN A 83 8.35 -16.07 -4.83
N GLN A 84 9.58 -15.83 -4.42
CA GLN A 84 9.86 -15.08 -3.20
C GLN A 84 9.47 -13.63 -3.36
N ARG A 85 9.90 -13.02 -4.46
CA ARG A 85 9.67 -11.60 -4.70
C ARG A 85 8.18 -11.29 -4.80
N LYS A 86 7.44 -12.19 -5.43
CA LYS A 86 6.00 -12.02 -5.57
C LYS A 86 5.33 -11.97 -4.20
N GLU A 87 5.71 -12.90 -3.33
CA GLU A 87 5.12 -12.98 -2.00
C GLU A 87 5.59 -11.83 -1.12
N GLU A 88 6.85 -11.42 -1.30
CA GLU A 88 7.42 -10.33 -0.51
C GLU A 88 6.62 -9.05 -0.66
N GLU A 89 6.18 -8.77 -1.87
CA GLU A 89 5.39 -7.57 -2.13
C GLU A 89 4.01 -7.70 -1.49
N HIS A 90 3.46 -8.91 -1.49
CA HIS A 90 2.21 -9.17 -0.78
C HIS A 90 2.40 -8.90 0.70
N THR A 91 3.49 -9.42 1.25
CA THR A 91 3.81 -9.27 2.67
C THR A 91 3.91 -7.78 3.05
N LEU A 92 4.56 -7.00 2.20
CA LEU A 92 4.74 -5.58 2.47
C LEU A 92 3.41 -4.82 2.34
N LEU A 93 2.74 -5.00 1.20
CA LEU A 93 1.53 -4.24 0.91
C LEU A 93 0.40 -4.57 1.86
N ASP A 94 0.33 -5.82 2.30
CA ASP A 94 -0.76 -6.24 3.18
C ASP A 94 -0.63 -5.58 4.55
N LYS A 95 0.57 -5.55 5.10
CA LYS A 95 0.80 -4.88 6.38
C LYS A 95 0.46 -3.40 6.27
N LEU A 96 0.90 -2.77 5.19
CA LEU A 96 0.60 -1.36 4.95
C LEU A 96 -0.91 -1.14 4.91
N THR A 97 -1.62 -2.03 4.22
CA THR A 97 -3.07 -1.98 4.19
C THR A 97 -3.66 -2.08 5.60
N GLN A 98 -3.10 -3.00 6.39
CA GLN A 98 -3.58 -3.24 7.74
C GLN A 98 -3.34 -2.03 8.64
N GLN A 99 -2.17 -1.41 8.50
CA GLN A 99 -1.81 -0.25 9.31
C GLN A 99 -2.74 0.92 9.02
N LEU A 100 -3.00 1.16 7.74
CA LEU A 100 -3.88 2.24 7.32
C LEU A 100 -5.32 1.95 7.77
N GLN A 101 -5.70 0.70 7.65
CA GLN A 101 -7.03 0.25 8.07
C GLN A 101 -7.19 0.48 9.57
N GLY A 102 -6.16 0.15 10.33
CA GLY A 102 -6.19 0.35 11.76
C GLY A 102 -6.27 1.81 12.14
N LEU A 103 -5.44 2.63 11.51
CA LEU A 103 -5.41 4.06 11.78
C LEU A 103 -6.74 4.69 11.42
N ALA A 104 -7.25 4.33 10.25
CA ALA A 104 -8.50 4.88 9.74
C ALA A 104 -9.64 4.62 10.71
N VAL A 105 -9.75 3.38 11.18
CA VAL A 105 -10.79 3.01 12.12
C VAL A 105 -10.58 3.67 13.47
N THR A 106 -9.33 3.77 13.90
CA THR A 106 -9.02 4.42 15.17
C THR A 106 -9.46 5.88 15.19
N ILE A 107 -9.30 6.55 14.05
CA ILE A 107 -9.73 7.95 13.92
C ILE A 107 -11.25 8.02 13.78
N SER A 108 -11.82 7.02 13.14
CA SER A 108 -13.27 6.97 12.93
C SER A 108 -13.99 6.56 14.21
N ARG A 109 -13.24 5.96 15.13
CA ARG A 109 -13.79 5.46 16.37
C ARG A 109 -13.91 6.59 17.40
N GLU A 110 -14.79 7.53 17.12
CA GLU A 110 -14.96 8.70 17.97
C GLU A 110 -16.41 8.85 18.42
N ASN A 111 -17.02 7.74 18.79
CA ASN A 111 -18.39 7.76 19.26
C ASN A 111 -18.41 7.70 20.78
N ILE A 112 -17.68 8.60 21.40
CA ILE A 112 -17.62 8.67 22.85
C ILE A 112 -18.27 9.95 23.35
N THR A 113 -19.58 9.92 23.47
CA THR A 113 -20.34 11.06 23.96
C THR A 113 -20.75 10.82 25.40
N GLU A 114 -19.90 11.24 26.34
CA GLU A 114 -20.12 11.05 27.77
C GLU A 114 -19.98 9.58 28.15
N VAL A 115 -19.28 9.33 29.26
CA VAL A 115 -19.01 7.96 29.69
C VAL A 115 -20.09 7.45 30.63
N GLY A 116 -20.90 8.37 31.16
CA GLY A 116 -21.95 8.00 32.09
C GLY A 116 -23.19 7.51 31.38
N ALA A 117 -23.51 6.23 31.54
CA ALA A 117 -24.69 5.66 30.92
C ALA A 117 -25.98 6.16 31.58
N PRO A 118 -26.10 6.12 32.92
CA PRO A 118 -27.28 6.66 33.62
C PRO A 118 -27.27 8.18 33.62
N THR A 119 -26.25 8.75 34.22
CA THR A 119 -26.10 10.20 34.29
C THR A 119 -24.66 10.56 34.71
N GLY A 1 14.01 -11.11 -41.44
CA GLY A 1 15.15 -10.23 -41.08
C GLY A 1 15.54 -10.40 -39.61
N PRO A 2 16.84 -10.52 -39.32
CA PRO A 2 17.32 -10.70 -37.96
C PRO A 2 17.21 -9.44 -37.11
N MET A 3 16.58 -9.56 -35.95
CA MET A 3 16.40 -8.43 -35.04
C MET A 3 17.27 -8.60 -33.81
N ALA A 4 18.12 -7.61 -33.54
CA ALA A 4 19.02 -7.67 -32.40
C ALA A 4 18.48 -6.86 -31.22
N MET A 5 17.36 -6.19 -31.43
CA MET A 5 16.73 -5.40 -30.38
C MET A 5 15.99 -6.30 -29.41
N LEU A 6 16.17 -6.06 -28.12
CA LEU A 6 15.47 -6.82 -27.09
C LEU A 6 15.17 -5.92 -25.90
N ALA A 7 13.96 -6.02 -25.39
CA ALA A 7 13.56 -5.28 -24.20
C ALA A 7 14.31 -5.79 -22.98
N ARG A 8 15.32 -5.04 -22.56
CA ARG A 8 16.11 -5.45 -21.40
C ARG A 8 16.05 -4.40 -20.30
N ARG A 9 15.41 -3.28 -20.58
CA ARG A 9 15.27 -2.22 -19.59
C ARG A 9 14.16 -2.57 -18.60
N GLN A 10 13.01 -2.94 -19.13
CA GLN A 10 11.88 -3.34 -18.30
C GLN A 10 11.41 -4.74 -18.68
N ARG A 11 11.71 -5.70 -17.82
CA ARG A 11 11.27 -7.08 -18.03
C ARG A 11 10.51 -7.58 -16.81
N ASP A 12 11.11 -7.37 -15.65
CA ASP A 12 10.53 -7.83 -14.39
C ASP A 12 9.38 -6.93 -13.99
N PRO A 13 8.14 -7.46 -14.04
CA PRO A 13 6.95 -6.70 -13.63
C PRO A 13 7.02 -6.33 -12.16
N LEU A 14 7.69 -7.17 -11.40
CA LEU A 14 7.90 -6.94 -9.98
C LEU A 14 8.78 -5.73 -9.75
N GLN A 15 9.72 -5.48 -10.67
CA GLN A 15 10.60 -4.33 -10.57
C GLN A 15 9.81 -3.03 -10.71
N ALA A 16 8.93 -2.99 -11.71
CA ALA A 16 8.08 -1.83 -11.94
C ALA A 16 7.11 -1.64 -10.78
N LEU A 17 6.52 -2.74 -10.35
CA LEU A 17 5.57 -2.73 -9.25
C LEU A 17 6.25 -2.30 -7.95
N ARG A 18 7.43 -2.84 -7.69
CA ARG A 18 8.19 -2.52 -6.49
C ARG A 18 8.50 -1.03 -6.42
N ARG A 19 8.80 -0.43 -7.56
CA ARG A 19 9.02 1.01 -7.64
C ARG A 19 7.77 1.75 -7.18
N ARG A 20 6.62 1.27 -7.65
CA ARG A 20 5.33 1.82 -7.27
C ARG A 20 4.99 1.53 -5.81
N ASN A 21 5.35 0.33 -5.35
CA ASN A 21 5.12 -0.05 -3.95
C ASN A 21 5.95 0.83 -3.02
N GLN A 22 7.19 1.11 -3.39
CA GLN A 22 8.04 1.99 -2.61
C GLN A 22 7.48 3.41 -2.64
N GLU A 23 6.82 3.76 -3.74
CA GLU A 23 6.20 5.07 -3.89
C GLU A 23 5.09 5.21 -2.84
N LEU A 24 4.28 4.17 -2.72
CA LEU A 24 3.20 4.14 -1.74
C LEU A 24 3.76 4.01 -0.33
N LYS A 25 4.82 3.22 -0.18
CA LYS A 25 5.45 3.02 1.12
C LYS A 25 5.97 4.33 1.69
N GLN A 26 6.54 5.16 0.82
CA GLN A 26 7.05 6.47 1.21
C GLN A 26 5.89 7.36 1.66
N GLN A 27 4.75 7.20 0.99
CA GLN A 27 3.56 7.96 1.30
C GLN A 27 2.98 7.52 2.64
N VAL A 28 3.09 6.23 2.94
CA VAL A 28 2.57 5.68 4.19
C VAL A 28 3.37 6.22 5.37
N ASP A 29 4.69 6.17 5.27
CA ASP A 29 5.55 6.69 6.32
C ASP A 29 5.37 8.19 6.50
N SER A 30 5.15 8.90 5.39
CA SER A 30 4.92 10.33 5.44
C SER A 30 3.60 10.62 6.16
N LEU A 31 2.61 9.78 5.91
CA LEU A 31 1.30 9.91 6.55
C LEU A 31 1.46 9.72 8.06
N LEU A 32 2.20 8.68 8.43
CA LEU A 32 2.49 8.40 9.83
C LEU A 32 3.24 9.56 10.47
N SER A 33 4.08 10.23 9.69
CA SER A 33 4.84 11.37 10.18
C SER A 33 3.91 12.49 10.62
N GLU A 34 2.85 12.73 9.85
CA GLU A 34 1.88 13.76 10.21
C GLU A 34 1.00 13.29 11.35
N SER A 35 0.69 11.99 11.34
CA SER A 35 -0.16 11.38 12.35
C SER A 35 0.53 11.37 13.71
N GLN A 36 1.83 11.69 13.71
CA GLN A 36 2.63 11.63 14.91
C GLN A 36 2.73 13.02 15.53
N LEU A 37 2.25 14.00 14.80
CA LEU A 37 2.33 15.39 15.22
C LEU A 37 1.25 15.70 16.26
N LYS A 38 1.65 16.39 17.31
CA LYS A 38 0.75 16.76 18.39
C LYS A 38 -0.24 17.82 17.92
N GLU A 39 0.18 18.64 16.96
CA GLU A 39 -0.69 19.66 16.38
C GLU A 39 -1.72 19.01 15.46
N ALA A 40 -1.46 17.78 15.06
CA ALA A 40 -2.36 17.04 14.18
C ALA A 40 -3.56 16.52 14.96
N LEU A 41 -3.57 16.80 16.25
CA LEU A 41 -4.71 16.48 17.10
C LEU A 41 -5.91 17.35 16.70
N GLU A 42 -5.63 18.40 15.92
CA GLU A 42 -6.67 19.25 15.35
C GLU A 42 -7.71 18.40 14.62
N PRO A 43 -8.97 18.40 15.10
CA PRO A 43 -10.06 17.63 14.49
C PRO A 43 -10.18 17.87 12.99
N ASN A 44 -9.84 19.08 12.57
CA ASN A 44 -9.89 19.42 11.14
C ASN A 44 -8.79 18.67 10.38
N LYS A 45 -7.58 18.70 10.91
CA LYS A 45 -6.46 17.99 10.29
C LYS A 45 -6.66 16.48 10.37
N ARG A 46 -7.28 16.01 11.45
CA ARG A 46 -7.57 14.59 11.60
C ARG A 46 -8.43 14.09 10.46
N GLN A 47 -9.41 14.88 10.06
CA GLN A 47 -10.27 14.53 8.93
C GLN A 47 -9.47 14.55 7.62
N HIS A 48 -8.50 15.46 7.55
CA HIS A 48 -7.62 15.55 6.38
C HIS A 48 -6.74 14.32 6.30
N ILE A 49 -6.22 13.89 7.43
CA ILE A 49 -5.37 12.71 7.50
C ILE A 49 -6.19 11.47 7.15
N TYR A 50 -7.38 11.37 7.72
CA TYR A 50 -8.31 10.28 7.43
C TYR A 50 -8.58 10.15 5.92
N GLN A 51 -8.73 11.29 5.25
CA GLN A 51 -8.98 11.29 3.81
C GLN A 51 -7.78 10.76 3.04
N ARG A 52 -6.59 11.22 3.40
CA ARG A 52 -5.37 10.77 2.74
C ARG A 52 -5.09 9.30 3.04
N CYS A 53 -5.47 8.87 4.23
CA CYS A 53 -5.26 7.49 4.63
C CYS A 53 -6.14 6.56 3.80
N ILE A 54 -7.39 6.96 3.60
CA ILE A 54 -8.33 6.23 2.74
C ILE A 54 -7.78 6.13 1.32
N GLN A 55 -7.27 7.24 0.82
CA GLN A 55 -6.78 7.30 -0.55
C GLN A 55 -5.63 6.32 -0.75
N LEU A 56 -4.66 6.35 0.15
CA LEU A 56 -3.52 5.45 0.08
C LEU A 56 -3.97 3.99 0.19
N LYS A 57 -4.94 3.72 1.05
CA LYS A 57 -5.45 2.37 1.21
C LYS A 57 -6.00 1.84 -0.10
N GLN A 58 -6.76 2.67 -0.80
CA GLN A 58 -7.31 2.32 -2.10
C GLN A 58 -6.20 2.15 -3.14
N ALA A 59 -5.15 2.95 -3.01
CA ALA A 59 -4.03 2.90 -3.94
C ALA A 59 -3.25 1.60 -3.77
N ILE A 60 -3.09 1.16 -2.53
CA ILE A 60 -2.41 -0.10 -2.24
C ILE A 60 -3.25 -1.27 -2.73
N ASP A 61 -4.56 -1.17 -2.54
CA ASP A 61 -5.50 -2.18 -3.02
C ASP A 61 -5.40 -2.31 -4.53
N GLU A 62 -5.19 -1.19 -5.19
CA GLU A 62 -4.98 -1.14 -6.63
C GLU A 62 -3.73 -1.92 -7.01
N ASN A 63 -2.63 -1.69 -6.30
CA ASN A 63 -1.39 -2.41 -6.55
C ASN A 63 -1.57 -3.90 -6.25
N LYS A 64 -2.30 -4.20 -5.19
CA LYS A 64 -2.61 -5.57 -4.82
C LYS A 64 -3.34 -6.29 -5.97
N ASN A 65 -4.31 -5.61 -6.56
CA ASN A 65 -5.05 -6.16 -7.69
C ASN A 65 -4.17 -6.30 -8.92
N ALA A 66 -3.28 -5.33 -9.11
CA ALA A 66 -2.34 -5.39 -10.22
C ALA A 66 -1.40 -6.57 -10.07
N LEU A 67 -0.87 -6.74 -8.87
CA LEU A 67 0.01 -7.85 -8.57
C LEU A 67 -0.74 -9.18 -8.67
N GLN A 68 -2.00 -9.17 -8.25
CA GLN A 68 -2.85 -10.35 -8.37
C GLN A 68 -2.99 -10.77 -9.84
N LYS A 69 -2.95 -9.81 -10.75
CA LYS A 69 -3.01 -10.11 -12.17
C LYS A 69 -1.65 -10.62 -12.64
N LEU A 70 -0.61 -10.16 -11.97
CA LEU A 70 0.75 -10.58 -12.27
C LEU A 70 1.15 -11.76 -11.40
N SER A 71 0.22 -12.70 -11.20
CA SER A 71 0.50 -13.89 -10.42
C SER A 71 1.09 -14.98 -11.30
N LYS A 72 1.70 -14.56 -12.40
CA LYS A 72 2.34 -15.48 -13.32
C LYS A 72 3.75 -15.78 -12.85
N ALA A 73 3.94 -16.88 -12.16
CA ALA A 73 5.25 -17.25 -11.67
C ALA A 73 6.19 -17.58 -12.82
N ASP A 74 5.61 -18.00 -13.94
CA ASP A 74 6.37 -18.41 -15.11
C ASP A 74 6.84 -17.23 -15.94
N GLU A 75 6.55 -16.01 -15.47
CA GLU A 75 6.88 -14.80 -16.22
C GLU A 75 8.38 -14.70 -16.51
N SER A 76 9.20 -15.29 -15.65
CA SER A 76 10.64 -15.31 -15.87
C SER A 76 11.29 -16.53 -15.21
N ALA A 77 10.62 -17.68 -15.30
CA ALA A 77 11.10 -18.93 -14.71
C ALA A 77 11.17 -18.84 -13.19
N PRO A 78 10.20 -19.45 -12.49
CA PRO A 78 10.12 -19.37 -11.04
C PRO A 78 11.03 -20.39 -10.35
N VAL A 79 12.33 -20.16 -10.48
CA VAL A 79 13.33 -21.06 -9.92
C VAL A 79 13.17 -21.18 -8.40
N ALA A 80 13.34 -20.07 -7.69
CA ALA A 80 13.22 -20.08 -6.25
C ALA A 80 13.01 -18.67 -5.70
N ASN A 81 14.03 -17.83 -5.80
CA ASN A 81 13.97 -16.48 -5.25
C ASN A 81 12.94 -15.62 -5.96
N TYR A 82 12.67 -15.96 -7.22
CA TYR A 82 11.70 -15.21 -8.02
C TYR A 82 10.31 -15.31 -7.37
N ASN A 83 10.00 -16.49 -6.84
CA ASN A 83 8.72 -16.70 -6.16
C ASN A 83 8.70 -15.97 -4.83
N GLN A 84 9.85 -15.90 -4.19
CA GLN A 84 9.99 -15.19 -2.92
C GLN A 84 9.78 -13.69 -3.15
N ARG A 85 10.38 -13.17 -4.20
CA ARG A 85 10.30 -11.74 -4.52
C ARG A 85 8.86 -11.35 -4.80
N LYS A 86 8.14 -12.22 -5.49
CA LYS A 86 6.73 -11.98 -5.78
C LYS A 86 5.89 -12.10 -4.51
N GLU A 87 6.29 -13.03 -3.65
CA GLU A 87 5.59 -13.31 -2.40
C GLU A 87 5.74 -12.15 -1.41
N GLU A 88 6.97 -11.65 -1.26
CA GLU A 88 7.25 -10.62 -0.28
C GLU A 88 6.49 -9.33 -0.59
N GLU A 89 6.25 -9.06 -1.87
CA GLU A 89 5.44 -7.92 -2.26
C GLU A 89 4.02 -8.06 -1.70
N HIS A 90 3.51 -9.29 -1.70
CA HIS A 90 2.20 -9.57 -1.11
C HIS A 90 2.22 -9.26 0.38
N THR A 91 3.29 -9.68 1.05
CA THR A 91 3.46 -9.44 2.48
C THR A 91 3.51 -7.95 2.78
N LEU A 92 4.17 -7.19 1.92
CA LEU A 92 4.34 -5.76 2.11
C LEU A 92 3.01 -5.04 1.93
N LEU A 93 2.32 -5.33 0.83
CA LEU A 93 1.07 -4.66 0.51
C LEU A 93 0.00 -4.96 1.54
N ASP A 94 0.03 -6.17 2.10
CA ASP A 94 -0.97 -6.55 3.11
C ASP A 94 -0.76 -5.77 4.39
N LYS A 95 0.49 -5.68 4.84
CA LYS A 95 0.84 -4.91 6.02
C LYS A 95 0.46 -3.44 5.89
N LEU A 96 0.85 -2.84 4.77
CA LEU A 96 0.55 -1.42 4.54
C LEU A 96 -0.96 -1.19 4.54
N THR A 97 -1.70 -2.08 3.87
CA THR A 97 -3.16 -2.02 3.89
C THR A 97 -3.69 -2.14 5.31
N GLN A 98 -3.16 -3.10 6.06
CA GLN A 98 -3.60 -3.35 7.43
C GLN A 98 -3.35 -2.16 8.33
N GLN A 99 -2.13 -1.63 8.25
CA GLN A 99 -1.70 -0.52 9.09
C GLN A 99 -2.56 0.72 8.85
N LEU A 100 -2.86 0.99 7.59
CA LEU A 100 -3.67 2.15 7.24
C LEU A 100 -5.12 1.94 7.65
N GLN A 101 -5.63 0.74 7.41
CA GLN A 101 -7.01 0.41 7.74
C GLN A 101 -7.25 0.55 9.25
N GLY A 102 -6.32 0.04 10.03
CA GLY A 102 -6.42 0.17 11.47
C GLY A 102 -6.29 1.61 11.93
N LEU A 103 -5.36 2.33 11.32
CA LEU A 103 -5.12 3.74 11.66
C LEU A 103 -6.32 4.61 11.30
N ALA A 104 -6.84 4.40 10.09
CA ALA A 104 -7.96 5.19 9.58
C ALA A 104 -9.15 5.14 10.54
N VAL A 105 -9.50 3.94 10.97
CA VAL A 105 -10.62 3.76 11.89
C VAL A 105 -10.32 4.42 13.23
N THR A 106 -9.07 4.36 13.64
CA THR A 106 -8.62 4.97 14.89
C THR A 106 -8.79 6.49 14.84
N ILE A 107 -8.43 7.09 13.71
CA ILE A 107 -8.48 8.53 13.55
C ILE A 107 -9.93 9.02 13.48
N SER A 108 -10.77 8.28 12.76
CA SER A 108 -12.15 8.70 12.57
C SER A 108 -13.01 8.28 13.76
N ARG A 109 -12.43 7.46 14.63
CA ARG A 109 -13.08 6.98 15.84
C ARG A 109 -14.33 6.18 15.52
N GLU A 110 -14.27 5.40 14.45
CA GLU A 110 -15.41 4.58 14.03
C GLU A 110 -15.42 3.25 14.77
N ASN A 111 -15.11 3.29 16.06
CA ASN A 111 -15.10 2.10 16.89
C ASN A 111 -16.38 2.03 17.73
N ILE A 112 -17.38 2.78 17.30
CA ILE A 112 -18.64 2.89 18.06
C ILE A 112 -19.46 1.61 17.94
N THR A 113 -19.73 1.20 16.71
CA THR A 113 -20.52 0.01 16.45
C THR A 113 -19.68 -1.25 16.58
N GLU A 114 -18.39 -1.06 16.81
CA GLU A 114 -17.46 -2.16 16.98
C GLU A 114 -17.67 -2.82 18.33
N VAL A 115 -18.40 -3.93 18.33
CA VAL A 115 -18.74 -4.64 19.55
C VAL A 115 -18.29 -6.10 19.47
N GLY A 116 -17.05 -6.30 19.06
CA GLY A 116 -16.52 -7.65 18.93
C GLY A 116 -16.07 -8.22 20.26
N ALA A 117 -17.02 -8.52 21.12
CA ALA A 117 -16.71 -9.05 22.44
C ALA A 117 -17.68 -10.17 22.83
N PRO A 118 -17.66 -11.30 22.09
CA PRO A 118 -18.55 -12.42 22.37
C PRO A 118 -17.90 -13.47 23.28
N THR A 119 -16.83 -13.07 23.95
CA THR A 119 -16.09 -13.98 24.81
C THR A 119 -15.80 -13.31 26.15
N GLY A 1 34.45 -5.79 -28.24
CA GLY A 1 34.34 -4.30 -28.16
C GLY A 1 33.33 -3.87 -27.12
N PRO A 2 33.04 -2.56 -27.02
CA PRO A 2 32.08 -2.03 -26.06
C PRO A 2 30.62 -2.24 -26.49
N MET A 3 30.26 -3.50 -26.71
CA MET A 3 28.88 -3.85 -27.06
C MET A 3 28.12 -4.25 -25.81
N ALA A 4 28.64 -5.26 -25.11
CA ALA A 4 28.06 -5.74 -23.87
C ALA A 4 26.60 -6.16 -24.06
N MET A 5 26.40 -7.33 -24.63
CA MET A 5 25.06 -7.86 -24.84
C MET A 5 24.52 -8.50 -23.56
N LEU A 6 23.38 -8.01 -23.11
CA LEU A 6 22.73 -8.56 -21.92
C LEU A 6 21.41 -9.21 -22.30
N ALA A 7 21.21 -10.44 -21.85
CA ALA A 7 19.97 -11.15 -22.12
C ALA A 7 18.82 -10.56 -21.33
N ARG A 8 18.13 -9.59 -21.92
CA ARG A 8 17.02 -8.91 -21.27
C ARG A 8 15.73 -9.69 -21.46
N ARG A 9 15.80 -11.00 -21.19
CA ARG A 9 14.65 -11.87 -21.36
C ARG A 9 13.85 -11.97 -20.07
N GLN A 10 14.52 -12.39 -19.00
CA GLN A 10 13.87 -12.62 -17.72
C GLN A 10 13.65 -11.30 -16.99
N ARG A 11 12.98 -10.38 -17.66
CA ARG A 11 12.66 -9.07 -17.08
C ARG A 11 11.77 -9.24 -15.86
N ASP A 12 12.09 -8.54 -14.80
CA ASP A 12 11.40 -8.69 -13.53
C ASP A 12 10.20 -7.74 -13.41
N PRO A 13 8.97 -8.26 -13.60
CA PRO A 13 7.75 -7.47 -13.47
C PRO A 13 7.56 -6.98 -12.03
N LEU A 14 7.88 -7.87 -11.10
CA LEU A 14 7.74 -7.58 -9.67
C LEU A 14 8.60 -6.39 -9.28
N GLN A 15 9.79 -6.27 -9.89
CA GLN A 15 10.69 -5.17 -9.59
C GLN A 15 10.09 -3.83 -10.02
N ALA A 16 9.43 -3.82 -11.17
CA ALA A 16 8.82 -2.61 -11.68
C ALA A 16 7.67 -2.16 -10.80
N LEU A 17 6.82 -3.10 -10.42
CA LEU A 17 5.75 -2.83 -9.48
C LEU A 17 6.30 -2.39 -8.12
N ARG A 18 7.41 -2.98 -7.73
CA ARG A 18 8.04 -2.67 -6.45
C ARG A 18 8.42 -1.19 -6.38
N ARG A 19 8.78 -0.61 -7.52
CA ARG A 19 9.05 0.82 -7.62
C ARG A 19 7.81 1.60 -7.20
N ARG A 20 6.66 1.15 -7.67
CA ARG A 20 5.38 1.75 -7.31
C ARG A 20 5.02 1.46 -5.85
N ASN A 21 5.36 0.26 -5.37
CA ASN A 21 5.16 -0.08 -3.96
C ASN A 21 6.02 0.79 -3.07
N GLN A 22 7.25 1.05 -3.52
CA GLN A 22 8.17 1.93 -2.82
C GLN A 22 7.60 3.34 -2.74
N GLU A 23 6.83 3.69 -3.76
CA GLU A 23 6.20 5.01 -3.82
C GLU A 23 5.10 5.09 -2.76
N LEU A 24 4.39 3.98 -2.59
CA LEU A 24 3.35 3.89 -1.56
C LEU A 24 3.98 3.90 -0.17
N LYS A 25 5.11 3.21 -0.02
CA LYS A 25 5.82 3.18 1.25
C LYS A 25 6.18 4.58 1.70
N GLN A 26 6.71 5.37 0.79
CA GLN A 26 7.11 6.74 1.10
C GLN A 26 5.92 7.55 1.58
N GLN A 27 4.77 7.32 0.95
CA GLN A 27 3.56 8.06 1.29
C GLN A 27 2.98 7.62 2.63
N VAL A 28 3.10 6.33 2.94
CA VAL A 28 2.59 5.79 4.19
C VAL A 28 3.40 6.31 5.36
N ASP A 29 4.73 6.25 5.21
CA ASP A 29 5.63 6.77 6.24
C ASP A 29 5.41 8.27 6.44
N SER A 30 5.11 8.97 5.34
CA SER A 30 4.80 10.39 5.41
C SER A 30 3.50 10.61 6.19
N LEU A 31 2.54 9.71 6.02
CA LEU A 31 1.26 9.82 6.71
C LEU A 31 1.46 9.68 8.21
N LEU A 32 2.28 8.71 8.61
CA LEU A 32 2.60 8.50 10.01
C LEU A 32 3.30 9.72 10.59
N SER A 33 4.16 10.33 9.78
CA SER A 33 4.89 11.52 10.20
C SER A 33 3.95 12.69 10.42
N GLU A 34 2.89 12.78 9.63
CA GLU A 34 1.92 13.86 9.77
C GLU A 34 1.04 13.61 10.99
N SER A 35 0.67 12.34 11.18
CA SER A 35 -0.17 11.94 12.30
C SER A 35 0.57 12.14 13.62
N GLN A 36 1.87 12.41 13.55
CA GLN A 36 2.69 12.53 14.74
C GLN A 36 2.98 13.99 15.03
N LEU A 37 2.64 14.85 14.06
CA LEU A 37 2.89 16.28 14.18
C LEU A 37 1.88 16.94 15.10
N LYS A 38 2.38 17.81 15.98
CA LYS A 38 1.56 18.51 16.93
C LYS A 38 0.73 19.58 16.22
N GLU A 39 1.27 20.11 15.13
CA GLU A 39 0.56 21.07 14.30
C GLU A 39 -0.59 20.39 13.56
N ALA A 40 -0.41 19.09 13.31
CA ALA A 40 -1.39 18.32 12.56
C ALA A 40 -2.41 17.69 13.50
N LEU A 41 -2.26 17.95 14.78
CA LEU A 41 -3.17 17.42 15.79
C LEU A 41 -4.37 18.37 15.96
N GLU A 42 -4.64 19.11 14.90
CA GLU A 42 -5.78 20.02 14.86
C GLU A 42 -7.03 19.26 14.38
N PRO A 43 -8.23 19.72 14.78
CA PRO A 43 -9.47 18.97 14.52
C PRO A 43 -9.68 18.61 13.05
N ASN A 44 -9.57 19.59 12.17
CA ASN A 44 -9.93 19.40 10.76
C ASN A 44 -8.89 18.57 10.02
N LYS A 45 -7.63 18.66 10.45
CA LYS A 45 -6.56 17.89 9.83
C LYS A 45 -6.81 16.40 10.01
N ARG A 46 -7.44 16.04 11.12
CA ARG A 46 -7.79 14.64 11.38
C ARG A 46 -8.68 14.09 10.27
N GLN A 47 -9.63 14.91 9.82
CA GLN A 47 -10.52 14.52 8.75
C GLN A 47 -9.75 14.36 7.44
N HIS A 48 -8.77 15.24 7.24
CA HIS A 48 -7.97 15.22 6.02
C HIS A 48 -7.06 14.00 6.02
N ILE A 49 -6.52 13.65 7.18
CA ILE A 49 -5.65 12.48 7.30
C ILE A 49 -6.45 11.20 7.05
N TYR A 50 -7.63 11.10 7.65
CA TYR A 50 -8.53 9.97 7.42
C TYR A 50 -8.82 9.80 5.93
N GLN A 51 -9.04 10.90 5.23
CA GLN A 51 -9.29 10.87 3.79
C GLN A 51 -8.02 10.46 3.04
N ARG A 52 -6.88 10.97 3.48
CA ARG A 52 -5.59 10.66 2.87
C ARG A 52 -5.29 9.17 3.06
N CYS A 53 -5.77 8.61 4.16
CA CYS A 53 -5.60 7.20 4.46
C CYS A 53 -6.39 6.36 3.45
N ILE A 54 -7.62 6.76 3.20
CA ILE A 54 -8.48 6.08 2.24
C ILE A 54 -7.86 6.08 0.85
N GLN A 55 -7.28 7.21 0.46
CA GLN A 55 -6.65 7.34 -0.86
C GLN A 55 -5.50 6.35 -1.02
N LEU A 56 -4.59 6.36 -0.04
CA LEU A 56 -3.46 5.43 -0.05
C LEU A 56 -3.93 3.98 -0.02
N LYS A 57 -4.99 3.71 0.73
CA LYS A 57 -5.53 2.37 0.82
C LYS A 57 -6.05 1.92 -0.54
N GLN A 58 -6.67 2.85 -1.26
CA GLN A 58 -7.15 2.59 -2.61
C GLN A 58 -5.97 2.30 -3.53
N ALA A 59 -4.88 3.03 -3.35
CA ALA A 59 -3.67 2.83 -4.14
C ALA A 59 -3.07 1.46 -3.88
N ILE A 60 -3.08 1.03 -2.63
CA ILE A 60 -2.57 -0.29 -2.26
C ILE A 60 -3.41 -1.38 -2.92
N ASP A 61 -4.72 -1.20 -2.87
CA ASP A 61 -5.66 -2.16 -3.46
C ASP A 61 -5.48 -2.23 -4.97
N GLU A 62 -5.18 -1.07 -5.57
CA GLU A 62 -4.89 -0.99 -6.99
C GLU A 62 -3.66 -1.81 -7.33
N ASN A 63 -2.61 -1.64 -6.53
CA ASN A 63 -1.38 -2.41 -6.70
C ASN A 63 -1.65 -3.89 -6.49
N LYS A 64 -2.48 -4.19 -5.51
CA LYS A 64 -2.86 -5.57 -5.21
C LYS A 64 -3.53 -6.21 -6.43
N ASN A 65 -4.38 -5.45 -7.11
CA ASN A 65 -5.02 -5.91 -8.33
C ASN A 65 -3.99 -6.08 -9.44
N ALA A 66 -3.12 -5.08 -9.60
CA ALA A 66 -2.09 -5.11 -10.62
C ALA A 66 -1.14 -6.29 -10.40
N LEU A 67 -0.84 -6.55 -9.13
CA LEU A 67 0.04 -7.64 -8.75
C LEU A 67 -0.62 -8.99 -9.01
N GLN A 68 -1.91 -9.09 -8.70
CA GLN A 68 -2.67 -10.30 -8.97
C GLN A 68 -2.67 -10.62 -10.47
N LYS A 69 -2.66 -9.58 -11.29
CA LYS A 69 -2.64 -9.75 -12.73
C LYS A 69 -1.20 -9.77 -13.26
N LEU A 70 -0.25 -9.62 -12.34
CA LEU A 70 1.16 -9.53 -12.70
C LEU A 70 1.79 -10.91 -12.88
N SER A 71 1.29 -11.63 -13.87
CA SER A 71 1.84 -12.92 -14.25
C SER A 71 1.83 -13.05 -15.77
N LYS A 72 3.00 -13.01 -16.39
CA LYS A 72 3.10 -12.99 -17.84
C LYS A 72 3.44 -14.38 -18.38
N ALA A 73 2.48 -14.98 -19.08
CA ALA A 73 2.66 -16.32 -19.65
C ALA A 73 3.47 -16.28 -20.94
N ASP A 74 3.51 -15.13 -21.58
CA ASP A 74 4.20 -15.00 -22.87
C ASP A 74 5.71 -14.88 -22.68
N GLU A 75 6.13 -14.81 -21.42
CA GLU A 75 7.54 -14.70 -21.08
C GLU A 75 7.91 -15.77 -20.06
N SER A 76 9.20 -16.05 -19.94
CA SER A 76 9.67 -17.04 -19.01
C SER A 76 9.77 -16.45 -17.61
N ALA A 77 9.30 -17.20 -16.62
CA ALA A 77 9.30 -16.76 -15.25
C ALA A 77 10.00 -17.79 -14.36
N PRO A 78 11.10 -17.41 -13.70
CA PRO A 78 11.84 -18.30 -12.80
C PRO A 78 10.99 -18.72 -11.60
N VAL A 79 10.31 -19.87 -11.73
CA VAL A 79 9.40 -20.33 -10.69
C VAL A 79 10.13 -20.57 -9.36
N ALA A 80 9.34 -20.76 -8.30
CA ALA A 80 9.83 -20.87 -6.93
C ALA A 80 10.31 -19.52 -6.42
N ASN A 81 11.31 -18.95 -7.08
CA ASN A 81 11.81 -17.62 -6.73
C ASN A 81 10.75 -16.58 -7.03
N TYR A 82 10.20 -16.63 -8.25
CA TYR A 82 9.13 -15.73 -8.66
C TYR A 82 7.91 -15.93 -7.75
N ASN A 83 7.66 -17.18 -7.38
CA ASN A 83 6.48 -17.53 -6.59
C ASN A 83 6.58 -16.93 -5.19
N GLN A 84 7.75 -17.10 -4.56
CA GLN A 84 7.98 -16.58 -3.22
C GLN A 84 8.06 -15.07 -3.22
N ARG A 85 8.73 -14.51 -4.22
CA ARG A 85 8.89 -13.07 -4.33
C ARG A 85 7.53 -12.40 -4.49
N LYS A 86 6.64 -13.05 -5.23
CA LYS A 86 5.29 -12.56 -5.43
C LYS A 86 4.52 -12.51 -4.11
N GLU A 87 4.74 -13.51 -3.27
CA GLU A 87 4.06 -13.58 -1.97
C GLU A 87 4.62 -12.53 -1.02
N GLU A 88 5.93 -12.31 -1.07
CA GLU A 88 6.57 -11.28 -0.26
C GLU A 88 6.00 -9.91 -0.59
N GLU A 89 5.73 -9.69 -1.88
CA GLU A 89 5.15 -8.44 -2.33
C GLU A 89 3.74 -8.30 -1.78
N HIS A 90 3.02 -9.42 -1.70
CA HIS A 90 1.70 -9.43 -1.09
C HIS A 90 1.79 -9.08 0.39
N THR A 91 2.79 -9.64 1.07
CA THR A 91 2.97 -9.44 2.50
C THR A 91 3.24 -7.97 2.83
N LEU A 92 3.96 -7.29 1.94
CA LEU A 92 4.30 -5.89 2.16
C LEU A 92 3.06 -5.02 2.06
N LEU A 93 2.32 -5.18 0.96
CA LEU A 93 1.11 -4.40 0.73
C LEU A 93 0.04 -4.75 1.76
N ASP A 94 0.02 -6.00 2.18
CA ASP A 94 -0.97 -6.48 3.14
C ASP A 94 -0.81 -5.79 4.49
N LYS A 95 0.43 -5.69 4.97
CA LYS A 95 0.68 -5.04 6.25
C LYS A 95 0.37 -3.55 6.19
N LEU A 96 0.72 -2.92 5.07
CA LEU A 96 0.38 -1.52 4.85
C LEU A 96 -1.12 -1.31 4.94
N THR A 97 -1.88 -2.24 4.35
CA THR A 97 -3.33 -2.21 4.44
C THR A 97 -3.78 -2.28 5.91
N GLN A 98 -3.18 -3.19 6.67
CA GLN A 98 -3.55 -3.38 8.07
C GLN A 98 -3.29 -2.14 8.89
N GLN A 99 -2.11 -1.54 8.70
CA GLN A 99 -1.71 -0.38 9.48
C GLN A 99 -2.59 0.82 9.17
N LEU A 100 -2.83 1.07 7.89
CA LEU A 100 -3.65 2.22 7.48
C LEU A 100 -5.07 2.05 7.98
N GLN A 101 -5.63 0.85 7.79
CA GLN A 101 -6.98 0.55 8.22
C GLN A 101 -7.10 0.68 9.74
N GLY A 102 -6.06 0.24 10.45
CA GLY A 102 -6.05 0.34 11.89
C GLY A 102 -5.96 1.78 12.36
N LEU A 103 -5.07 2.55 11.74
CA LEU A 103 -4.87 3.94 12.08
C LEU A 103 -6.12 4.76 11.77
N ALA A 104 -6.73 4.47 10.62
CA ALA A 104 -7.93 5.17 10.19
C ALA A 104 -9.02 5.10 11.26
N VAL A 105 -9.19 3.92 11.84
CA VAL A 105 -10.17 3.71 12.88
C VAL A 105 -9.81 4.48 14.15
N THR A 106 -8.52 4.57 14.43
CA THR A 106 -8.05 5.31 15.59
C THR A 106 -8.36 6.81 15.46
N ILE A 107 -8.19 7.32 14.24
CA ILE A 107 -8.41 8.73 13.98
C ILE A 107 -9.90 9.09 14.06
N SER A 108 -10.73 8.21 13.53
CA SER A 108 -12.17 8.45 13.49
C SER A 108 -12.82 8.05 14.81
N ARG A 109 -12.10 7.25 15.59
CA ARG A 109 -12.50 6.81 16.92
C ARG A 109 -13.73 5.92 16.89
N GLU A 110 -13.52 4.62 17.02
CA GLU A 110 -14.60 3.66 17.08
C GLU A 110 -15.19 3.62 18.49
N ASN A 111 -15.86 4.70 18.85
CA ASN A 111 -16.43 4.84 20.18
C ASN A 111 -17.93 5.06 20.08
N ILE A 112 -18.59 4.28 19.23
CA ILE A 112 -20.02 4.38 19.05
C ILE A 112 -20.74 3.75 20.23
N THR A 113 -20.52 2.47 20.43
CA THR A 113 -21.09 1.75 21.55
C THR A 113 -20.00 1.11 22.40
N GLU A 114 -18.95 0.66 21.72
CA GLU A 114 -17.74 0.11 22.35
C GLU A 114 -17.98 -1.24 23.01
N VAL A 115 -18.88 -1.26 23.98
CA VAL A 115 -19.15 -2.48 24.73
C VAL A 115 -20.53 -3.05 24.37
N GLY A 116 -20.94 -2.82 23.13
CA GLY A 116 -22.25 -3.27 22.69
C GLY A 116 -23.37 -2.46 23.31
N ALA A 117 -24.34 -3.14 23.90
CA ALA A 117 -25.46 -2.46 24.52
C ALA A 117 -25.78 -3.05 25.89
N PRO A 118 -24.90 -2.84 26.89
CA PRO A 118 -25.14 -3.31 28.24
C PRO A 118 -25.99 -2.33 29.04
N THR A 119 -26.12 -1.11 28.51
CA THR A 119 -26.89 -0.07 29.15
C THR A 119 -28.27 0.05 28.50
#